data_9HKF
#
_entry.id   9HKF
#
_cell.length_a   167.737
_cell.length_b   78.017
_cell.length_c   81.807
_cell.angle_alpha   90.00
_cell.angle_beta   103.92
_cell.angle_gamma   90.00
#
_symmetry.space_group_name_H-M   'C 1 2 1'
#
loop_
_entity.id
_entity.type
_entity.pdbx_description
1 polymer 'Haloalkane dehalogenase,non-specific serine/threonine protein kinase'
2 non-polymer 'CHLORIDE ION'
3 non-polymer 'FLAVIN MONONUCLEOTIDE'
4 non-polymer '(1E,3S)-1-{10-[2-carboxy-5-({2-[2-(hexyloxy)ethoxy]ethyl}carbamoyl)phenyl]-7-(3-fluoroazetidin-1-yl)-5,5-dimethyldibenz o[b,e]silin-3(5H)-ylidene}-3-fluoroazetidin-1-ium'
5 non-polymer GLYCEROL
6 water water
#
_entity_poly.entity_id   1
_entity_poly.type   'polypeptide(L)'
_entity_poly.pdbx_seq_one_letter_code
;GPMAEIGTGFPFDPHYVEVLGERMHYVDVGPRDGTPVLFLHGNPTSSYVWRNIIPHVAPTHRCIAPDLIGMGKSDKPDLG
YFFDDHVRFMDAFIEALGLEEVVLVIHDWGSALGFHWAKRNPERVKGIAFMEFIRPIPTWDEWPWFAGLERIEKNFIITD
PRLPDNPIIFASDSFLQLTEYSREEILGRNCRFLQGPETDRATVRKIRDAIDNQTEVTVQLINYTKSGKKFWNLFHLQPM
RDQKGDVQYFIGVQLDGTEHVRDAAEREGVMLIKKTAENIDEAAPFWRETFQAFRTTDVGRKLIIDQNVFIEGTLPMGVV
RPLTEVEMDHYREPFLNPVDREPLWRFPNELPIAGEPANIVALVEEYMDWLHQSPVPKLLFWGTPGVLIPPAEAARLAKS
LPNCKAVDIGPGLNLLQEDNPDLIGSEIARWLSTLEISG
;
_entity_poly.pdbx_strand_id   B,A
#
loop_
_chem_comp.id
_chem_comp.type
_chem_comp.name
_chem_comp.formula
CL non-polymer 'CHLORIDE ION' 'Cl -1'
FMN non-polymer 'FLAVIN MONONUCLEOTIDE' 'C17 H21 N4 O9 P'
GOL non-polymer GLYCEROL 'C3 H8 O3'
PUJ non-polymer '(1E,3S)-1-{10-[2-carboxy-5-({2-[2-(hexyloxy)ethoxy]ethyl}carbamoyl)phenyl]-7-(3-fluoroazetidin-1-yl)-5,5-dimethyldibenz o[b,e]silin-3(5H)-ylidene}-3-fluoroazetidin-1-ium' 'C39 H48 F2 N3 O5 Si 1'
#
# COMPACT_ATOMS: atom_id res chain seq x y z
N GLU A 5 32.07 0.13 -15.00
CA GLU A 5 30.67 0.27 -14.60
C GLU A 5 29.83 0.80 -15.76
N ILE A 6 28.51 0.55 -15.71
CA ILE A 6 27.60 1.20 -16.64
C ILE A 6 27.67 2.70 -16.38
N GLY A 7 27.60 3.49 -17.46
CA GLY A 7 27.82 4.92 -17.34
C GLY A 7 26.67 5.62 -16.61
N THR A 8 27.05 6.58 -15.74
CA THR A 8 26.09 7.40 -15.01
C THR A 8 26.03 8.85 -15.51
N GLY A 9 27.01 9.30 -16.30
CA GLY A 9 27.00 10.65 -16.80
C GLY A 9 25.95 10.87 -17.88
N PHE A 10 25.68 12.15 -18.14
CA PHE A 10 24.73 12.58 -19.17
C PHE A 10 25.39 13.65 -20.02
N PRO A 11 26.30 13.26 -20.91
CA PRO A 11 27.21 14.23 -21.55
C PRO A 11 26.66 14.79 -22.87
N PHE A 12 25.50 15.41 -22.80
CA PHE A 12 24.78 15.89 -23.98
C PHE A 12 24.39 17.34 -23.78
N ASP A 13 24.74 18.20 -24.73
CA ASP A 13 24.30 19.58 -24.64
C ASP A 13 22.80 19.65 -24.83
N PRO A 14 22.10 20.54 -24.13
CA PRO A 14 20.65 20.65 -24.28
C PRO A 14 20.26 21.42 -25.53
N HIS A 15 19.20 20.94 -26.18
CA HIS A 15 18.51 21.66 -27.24
C HIS A 15 17.05 21.83 -26.85
N TYR A 16 16.44 22.90 -27.37
CA TYR A 16 15.09 23.29 -27.00
C TYR A 16 14.32 23.70 -28.25
N VAL A 17 12.99 23.55 -28.19
CA VAL A 17 12.11 23.94 -29.28
C VAL A 17 10.74 24.31 -28.68
N GLU A 18 10.13 25.36 -29.23
CA GLU A 18 8.79 25.75 -28.80
C GLU A 18 7.77 24.82 -29.45
N VAL A 19 6.92 24.25 -28.61
CA VAL A 19 5.93 23.27 -29.04
C VAL A 19 4.61 23.59 -28.32
N LEU A 20 3.64 24.08 -29.08
CA LEU A 20 2.29 24.41 -28.59
C LEU A 20 2.34 25.29 -27.36
N GLY A 21 3.24 26.29 -27.39
CA GLY A 21 3.38 27.26 -26.33
C GLY A 21 4.24 26.79 -25.17
N GLU A 22 4.86 25.63 -25.28
CA GLU A 22 5.68 25.07 -24.22
C GLU A 22 7.02 24.65 -24.81
N ARG A 23 8.07 24.73 -23.99
CA ARG A 23 9.42 24.39 -24.43
C ARG A 23 9.70 22.92 -24.16
N MET A 24 10.19 22.21 -25.17
CA MET A 24 10.67 20.85 -24.98
C MET A 24 12.18 20.77 -25.18
N HIS A 25 12.81 19.99 -24.31
CA HIS A 25 14.22 19.68 -24.36
C HIS A 25 14.46 18.40 -25.14
N TYR A 26 15.59 18.34 -25.84
CA TYR A 26 15.94 17.10 -26.52
C TYR A 26 17.46 17.02 -26.70
N VAL A 27 17.94 15.78 -26.71
CA VAL A 27 19.29 15.47 -27.15
C VAL A 27 19.29 15.44 -28.68
N ASP A 28 20.35 16.01 -29.27
CA ASP A 28 20.56 15.99 -30.72
C ASP A 28 22.06 15.91 -30.98
N VAL A 29 22.53 14.74 -31.42
CA VAL A 29 23.94 14.46 -31.66
C VAL A 29 24.03 13.58 -32.89
N GLY A 30 25.26 13.31 -33.33
CA GLY A 30 25.46 12.52 -34.52
C GLY A 30 25.48 13.34 -35.80
N PRO A 31 25.71 12.67 -36.95
CA PRO A 31 25.75 13.41 -38.23
C PRO A 31 24.42 14.07 -38.54
N ARG A 32 24.34 14.80 -39.66
CA ARG A 32 23.08 15.57 -39.90
C ARG A 32 22.48 15.37 -41.28
N ASP A 33 23.08 14.59 -42.17
CA ASP A 33 22.54 14.55 -43.52
C ASP A 33 21.55 13.41 -43.78
N GLY A 34 21.54 12.37 -42.93
CA GLY A 34 20.83 11.14 -43.23
C GLY A 34 19.60 10.93 -42.38
N THR A 35 19.07 9.71 -42.48
CA THR A 35 17.87 9.37 -41.73
C THR A 35 18.15 9.44 -40.23
N PRO A 36 17.36 10.21 -39.48
CA PRO A 36 17.60 10.31 -38.04
C PRO A 36 16.89 9.22 -37.25
N VAL A 37 17.45 8.94 -36.08
CA VAL A 37 16.95 7.92 -35.18
C VAL A 37 16.34 8.60 -33.95
N LEU A 38 15.04 8.40 -33.74
CA LEU A 38 14.28 9.11 -32.72
C LEU A 38 14.04 8.18 -31.52
N PHE A 39 14.51 8.61 -30.35
CA PHE A 39 14.46 7.82 -29.12
C PHE A 39 13.35 8.34 -28.22
N LEU A 40 12.37 7.49 -27.92
CA LEU A 40 11.20 7.86 -27.15
C LEU A 40 11.16 7.08 -25.83
N HIS A 41 11.44 7.78 -24.73
CA HIS A 41 11.32 7.28 -23.38
C HIS A 41 9.86 7.29 -22.91
N GLY A 42 9.60 6.56 -21.81
CA GLY A 42 8.33 6.59 -21.12
C GLY A 42 8.38 7.03 -19.66
N ASN A 43 7.53 6.41 -18.78
CA ASN A 43 7.39 6.75 -17.35
C ASN A 43 8.24 5.83 -16.49
N PRO A 44 8.97 6.33 -15.47
CA PRO A 44 9.14 7.71 -14.99
C PRO A 44 10.44 8.34 -15.44
N THR A 45 10.83 7.97 -16.65
CA THR A 45 12.18 8.35 -17.13
C THR A 45 12.19 9.56 -18.06
N SER A 46 13.30 9.72 -18.76
CA SER A 46 13.54 10.85 -19.65
C SER A 46 14.60 10.41 -20.65
N SER A 47 15.18 11.37 -21.38
CA SER A 47 16.26 11.07 -22.32
C SER A 47 17.45 10.42 -21.62
N TYR A 48 17.56 10.58 -20.29
CA TYR A 48 18.57 9.90 -19.49
C TYR A 48 18.57 8.38 -19.68
N VAL A 49 17.38 7.75 -19.79
CA VAL A 49 17.32 6.31 -19.99
C VAL A 49 17.99 5.86 -21.28
N TRP A 50 18.33 6.79 -22.19
CA TRP A 50 18.96 6.48 -23.47
C TRP A 50 20.46 6.82 -23.49
N ARG A 51 21.01 7.30 -22.37
CA ARG A 51 22.36 7.86 -22.33
C ARG A 51 23.44 6.87 -22.75
N ASN A 52 23.24 5.58 -22.53
CA ASN A 52 24.27 4.60 -22.85
C ASN A 52 23.97 3.82 -24.13
N ILE A 53 22.90 4.18 -24.84
CA ILE A 53 22.53 3.56 -26.13
C ILE A 53 22.97 4.43 -27.30
N ILE A 54 22.63 5.72 -27.24
CA ILE A 54 22.96 6.74 -28.24
C ILE A 54 24.42 6.69 -28.66
N PRO A 55 25.40 6.47 -27.76
CA PRO A 55 26.80 6.44 -28.24
C PRO A 55 27.08 5.30 -29.20
N HIS A 56 26.27 4.25 -29.18
CA HIS A 56 26.42 3.18 -30.17
C HIS A 56 25.94 3.63 -31.54
N VAL A 57 24.92 4.50 -31.58
CA VAL A 57 24.35 4.92 -32.86
C VAL A 57 24.98 6.19 -33.39
N ALA A 58 25.45 7.06 -32.50
CA ALA A 58 25.88 8.39 -32.92
C ALA A 58 26.96 8.41 -33.98
N PRO A 59 28.04 7.60 -33.89
CA PRO A 59 28.99 7.53 -34.99
C PRO A 59 28.38 7.43 -36.39
N THR A 60 27.31 6.68 -36.61
CA THR A 60 26.80 6.57 -37.97
C THR A 60 25.50 7.32 -38.25
N HIS A 61 24.68 7.65 -37.25
CA HIS A 61 23.37 8.23 -37.51
C HIS A 61 23.09 9.38 -36.57
N ARG A 62 22.18 10.25 -37.00
CA ARG A 62 21.68 11.30 -36.12
C ARG A 62 20.81 10.69 -35.02
N CYS A 63 20.94 11.25 -33.82
CA CYS A 63 20.27 10.76 -32.61
C CYS A 63 19.45 11.87 -31.99
N ILE A 64 18.14 11.69 -31.94
CA ILE A 64 17.21 12.69 -31.39
C ILE A 64 16.43 12.05 -30.25
N ALA A 65 16.61 12.58 -29.03
CA ALA A 65 15.89 12.06 -27.87
C ALA A 65 15.20 13.20 -27.11
N PRO A 66 13.90 13.37 -27.27
CA PRO A 66 13.20 14.42 -26.51
C PRO A 66 12.81 13.95 -25.12
N ASP A 67 12.69 14.92 -24.20
CA ASP A 67 11.98 14.71 -22.94
C ASP A 67 10.50 15.02 -23.16
N LEU A 68 9.65 14.03 -22.91
CA LEU A 68 8.20 14.25 -23.00
C LEU A 68 7.81 15.51 -22.25
N ILE A 69 6.70 16.13 -22.67
CA ILE A 69 6.20 17.29 -21.94
C ILE A 69 5.86 16.88 -20.51
N GLY A 70 6.22 17.74 -19.56
CA GLY A 70 6.04 17.45 -18.15
C GLY A 70 7.15 16.65 -17.50
N MET A 71 8.19 16.31 -18.25
CA MET A 71 9.23 15.39 -17.82
C MET A 71 10.61 15.92 -18.19
N GLY A 72 11.62 15.36 -17.54
CA GLY A 72 12.99 15.72 -17.85
C GLY A 72 13.19 17.21 -17.72
N LYS A 73 13.80 17.81 -18.73
CA LYS A 73 14.07 19.24 -18.78
C LYS A 73 13.02 20.02 -19.58
N SER A 74 11.95 19.35 -20.01
CA SER A 74 10.88 20.04 -20.74
C SER A 74 9.96 20.80 -19.76
N ASP A 75 9.28 21.82 -20.29
CA ASP A 75 8.38 22.64 -19.48
C ASP A 75 7.30 21.77 -18.85
N LYS A 76 6.66 22.29 -17.80
CA LYS A 76 5.70 21.53 -17.00
C LYS A 76 4.39 22.29 -16.89
N PRO A 77 3.61 22.38 -17.99
CA PRO A 77 2.37 23.16 -17.91
C PRO A 77 1.28 22.48 -17.10
N ASP A 78 0.12 23.15 -17.00
CA ASP A 78 -1.02 22.65 -16.26
C ASP A 78 -1.93 21.85 -17.20
N LEU A 79 -1.66 20.55 -17.29
CA LEU A 79 -2.41 19.61 -18.13
C LEU A 79 -2.86 18.43 -17.30
N GLY A 80 -3.81 17.67 -17.86
CA GLY A 80 -4.08 16.35 -17.35
C GLY A 80 -2.99 15.34 -17.62
N TYR A 81 -2.10 15.63 -18.59
CA TYR A 81 -1.07 14.69 -19.04
C TYR A 81 -1.64 13.33 -19.43
N PHE A 82 -2.84 13.32 -19.98
CA PHE A 82 -3.36 12.13 -20.64
C PHE A 82 -2.46 11.72 -21.80
N PHE A 83 -2.61 10.46 -22.22
CA PHE A 83 -1.88 9.99 -23.39
C PHE A 83 -2.18 10.85 -24.61
N ASP A 84 -3.42 11.30 -24.72
CA ASP A 84 -3.76 12.20 -25.81
C ASP A 84 -2.97 13.52 -25.75
N ASP A 85 -2.69 14.03 -24.55
CA ASP A 85 -1.86 15.24 -24.45
C ASP A 85 -0.46 14.98 -25.01
N HIS A 86 0.18 13.87 -24.61
CA HIS A 86 1.52 13.56 -25.10
C HIS A 86 1.50 13.34 -26.61
N VAL A 87 0.40 12.80 -27.13
CA VAL A 87 0.28 12.61 -28.57
C VAL A 87 0.34 13.95 -29.30
N ARG A 88 -0.42 14.95 -28.82
CA ARG A 88 -0.40 16.27 -29.45
C ARG A 88 0.97 16.91 -29.40
N PHE A 89 1.66 16.81 -28.27
CA PHE A 89 2.97 17.45 -28.16
C PHE A 89 4.01 16.74 -29.04
N MET A 90 4.01 15.40 -29.08
CA MET A 90 4.99 14.70 -29.91
C MET A 90 4.72 14.88 -31.40
N ASP A 91 3.44 14.90 -31.80
CA ASP A 91 3.09 15.27 -33.16
C ASP A 91 3.73 16.61 -33.52
N ALA A 92 3.63 17.58 -32.62
CA ALA A 92 4.12 18.92 -32.89
C ALA A 92 5.64 19.00 -32.82
N PHE A 93 6.23 18.24 -31.91
CA PHE A 93 7.69 18.22 -31.79
C PHE A 93 8.33 17.71 -33.09
N ILE A 94 7.80 16.62 -33.62
CA ILE A 94 8.37 16.02 -34.83
C ILE A 94 8.30 16.99 -36.00
N GLU A 95 7.13 17.63 -36.18
CA GLU A 95 6.98 18.64 -37.23
C GLU A 95 7.86 19.85 -36.98
N ALA A 96 8.09 20.21 -35.70
CA ALA A 96 8.86 21.42 -35.45
C ALA A 96 10.33 21.24 -35.81
N LEU A 97 10.86 20.01 -35.68
CA LEU A 97 12.24 19.72 -36.10
C LEU A 97 12.36 19.45 -37.59
N GLY A 98 11.25 19.41 -38.31
CA GLY A 98 11.33 19.21 -39.73
C GLY A 98 11.56 17.78 -40.16
N LEU A 99 11.31 16.83 -39.27
CA LEU A 99 11.64 15.44 -39.56
C LEU A 99 10.75 14.91 -40.68
N GLU A 100 11.36 14.18 -41.62
CA GLU A 100 10.58 13.59 -42.71
C GLU A 100 10.45 12.09 -42.51
N GLU A 101 11.44 11.30 -42.90
CA GLU A 101 11.42 9.88 -42.55
C GLU A 101 12.31 9.66 -41.33
N VAL A 102 11.97 8.65 -40.52
CA VAL A 102 12.68 8.35 -39.29
C VAL A 102 12.82 6.84 -39.12
N VAL A 103 13.78 6.47 -38.26
CA VAL A 103 13.79 5.18 -37.54
C VAL A 103 13.42 5.46 -36.09
N LEU A 104 12.55 4.62 -35.51
CA LEU A 104 12.06 4.78 -34.14
C LEU A 104 12.78 3.85 -33.16
N VAL A 105 13.22 4.39 -32.02
CA VAL A 105 13.69 3.58 -30.89
C VAL A 105 12.85 3.97 -29.70
N ILE A 106 12.02 3.05 -29.22
CA ILE A 106 10.89 3.41 -28.35
C ILE A 106 10.72 2.40 -27.22
N HIS A 107 10.22 2.89 -26.08
CA HIS A 107 10.18 2.15 -24.82
C HIS A 107 9.02 2.64 -23.98
N ASP A 108 8.30 1.71 -23.36
CA ASP A 108 7.23 2.10 -22.45
C ASP A 108 6.25 3.04 -23.14
N TRP A 109 5.83 4.13 -22.49
CA TRP A 109 4.87 5.04 -23.11
C TRP A 109 5.44 5.76 -24.32
N GLY A 110 6.77 5.89 -24.43
CA GLY A 110 7.36 6.30 -25.68
C GLY A 110 6.97 5.39 -26.84
N SER A 111 6.69 4.12 -26.55
CA SER A 111 6.37 3.17 -27.62
C SER A 111 4.91 3.25 -28.05
N ALA A 112 4.00 3.53 -27.11
CA ALA A 112 2.65 3.92 -27.52
C ALA A 112 2.70 5.16 -28.41
N LEU A 113 3.56 6.12 -28.07
CA LEU A 113 3.73 7.28 -28.94
C LEU A 113 4.27 6.88 -30.31
N GLY A 114 5.35 6.10 -30.33
CA GLY A 114 5.97 5.76 -31.60
C GLY A 114 5.08 4.90 -32.51
N PHE A 115 4.37 3.92 -31.92
CA PHE A 115 3.52 3.06 -32.72
C PHE A 115 2.30 3.81 -33.20
N HIS A 116 1.72 4.66 -32.34
CA HIS A 116 0.57 5.45 -32.75
C HIS A 116 0.95 6.41 -33.88
N TRP A 117 2.15 7.00 -33.82
CA TRP A 117 2.59 7.90 -34.87
C TRP A 117 2.84 7.15 -36.18
N ALA A 118 3.46 5.96 -36.10
CA ALA A 118 3.76 5.20 -37.31
C ALA A 118 2.48 4.77 -38.03
N LYS A 119 1.48 4.31 -37.29
CA LYS A 119 0.22 3.90 -37.91
C LYS A 119 -0.40 5.04 -38.70
N ARG A 120 -0.31 6.27 -38.21
CA ARG A 120 -0.85 7.41 -38.95
C ARG A 120 0.09 7.98 -39.99
N ASN A 121 1.39 7.61 -39.97
CA ASN A 121 2.38 8.14 -40.91
C ASN A 121 3.31 7.01 -41.38
N PRO A 122 2.76 5.93 -41.95
CA PRO A 122 3.58 4.73 -42.19
C PRO A 122 4.72 4.92 -43.19
N GLU A 123 4.54 5.75 -44.20
CA GLU A 123 5.60 5.85 -45.20
C GLU A 123 6.80 6.65 -44.73
N ARG A 124 6.79 7.13 -43.49
CA ARG A 124 7.88 7.89 -42.92
C ARG A 124 8.67 7.11 -41.87
N VAL A 125 8.31 5.86 -41.63
CA VAL A 125 8.97 5.04 -40.62
C VAL A 125 9.67 3.89 -41.34
N LYS A 126 11.01 3.95 -41.34
CA LYS A 126 11.82 2.99 -42.06
C LYS A 126 12.25 1.81 -41.21
N GLY A 127 11.88 1.77 -39.93
CA GLY A 127 12.26 0.69 -39.05
C GLY A 127 11.95 1.09 -37.64
N ILE A 128 11.72 0.10 -36.76
CA ILE A 128 11.29 0.33 -35.38
C ILE A 128 12.05 -0.64 -34.49
N ALA A 129 12.86 -0.11 -33.58
CA ALA A 129 13.33 -0.89 -32.44
C ALA A 129 12.45 -0.56 -31.24
N PHE A 130 12.00 -1.61 -30.53
CA PHE A 130 11.16 -1.42 -29.35
C PHE A 130 11.50 -2.45 -28.28
N MET A 131 11.10 -2.13 -27.06
CA MET A 131 11.40 -2.93 -25.87
C MET A 131 10.40 -2.52 -24.78
N GLU A 132 9.94 -3.49 -23.98
CA GLU A 132 8.96 -3.24 -22.89
C GLU A 132 7.84 -2.25 -23.25
N PHE A 133 7.06 -2.61 -24.28
CA PHE A 133 6.12 -1.65 -24.83
C PHE A 133 4.67 -1.82 -24.36
N ILE A 134 3.86 -0.80 -24.67
CA ILE A 134 2.46 -0.78 -24.30
C ILE A 134 1.67 -1.68 -25.23
N ARG A 135 1.09 -2.73 -24.67
CA ARG A 135 0.24 -3.72 -25.32
C ARG A 135 -0.99 -3.90 -24.44
N PRO A 136 -2.09 -4.41 -25.01
CA PRO A 136 -3.26 -4.70 -24.16
C PRO A 136 -2.95 -5.88 -23.25
N ILE A 137 -3.07 -5.67 -21.93
CA ILE A 137 -2.80 -6.71 -20.95
C ILE A 137 -4.14 -7.26 -20.48
N PRO A 138 -4.52 -8.49 -20.87
CA PRO A 138 -5.91 -8.94 -20.65
C PRO A 138 -6.30 -9.07 -19.18
N THR A 139 -5.38 -9.46 -18.33
CA THR A 139 -5.70 -9.81 -16.96
C THR A 139 -4.58 -9.36 -16.02
N TRP A 140 -4.97 -8.96 -14.80
CA TRP A 140 -3.98 -8.57 -13.82
C TRP A 140 -3.04 -9.73 -13.46
N ASP A 141 -3.44 -10.97 -13.75
CA ASP A 141 -2.61 -12.14 -13.49
C ASP A 141 -1.32 -12.11 -14.30
N GLU A 142 -1.33 -11.46 -15.47
CA GLU A 142 -0.13 -11.32 -16.30
C GLU A 142 0.85 -10.28 -15.77
N TRP A 143 0.47 -9.51 -14.76
CA TRP A 143 1.38 -8.55 -14.16
C TRP A 143 2.26 -9.25 -13.13
N PRO A 144 3.58 -9.27 -13.28
CA PRO A 144 4.42 -10.08 -12.39
C PRO A 144 4.48 -9.53 -10.98
N TRP A 145 3.89 -10.24 -10.03
CA TRP A 145 3.92 -9.81 -8.64
C TRP A 145 5.32 -9.74 -8.08
N PHE A 146 6.29 -10.45 -8.69
CA PHE A 146 7.62 -10.59 -8.10
C PHE A 146 8.61 -9.58 -8.64
N ALA A 147 8.16 -8.65 -9.48
CA ALA A 147 9.10 -7.74 -10.15
C ALA A 147 9.88 -6.90 -9.12
N GLY A 148 11.20 -6.89 -9.25
CA GLY A 148 12.05 -6.07 -8.41
C GLY A 148 12.34 -6.63 -7.03
N LEU A 149 12.06 -7.91 -6.77
CA LEU A 149 12.28 -8.49 -5.45
C LEU A 149 13.63 -9.23 -5.33
N GLU A 150 14.58 -9.00 -6.26
CA GLU A 150 15.82 -9.77 -6.25
C GLU A 150 16.60 -9.58 -4.97
N ARG A 151 16.47 -8.43 -4.31
CA ARG A 151 17.24 -8.12 -3.11
C ARG A 151 16.54 -8.53 -1.81
N ILE A 152 15.37 -9.15 -1.88
CA ILE A 152 14.71 -9.61 -0.67
C ILE A 152 15.61 -10.60 0.03
N GLU A 153 15.85 -10.38 1.32
CA GLU A 153 16.75 -11.27 2.04
C GLU A 153 16.09 -12.64 2.28
N LYS A 154 15.85 -13.37 1.21
CA LYS A 154 15.26 -14.70 1.26
C LYS A 154 15.71 -15.48 0.04
N ASN A 155 16.07 -16.74 0.26
CA ASN A 155 16.58 -17.60 -0.80
C ASN A 155 15.40 -18.28 -1.47
N PHE A 156 15.03 -17.80 -2.65
CA PHE A 156 13.91 -18.39 -3.37
C PHE A 156 14.01 -18.07 -4.86
N ILE A 157 13.35 -18.92 -5.65
CA ILE A 157 13.25 -18.81 -7.10
C ILE A 157 11.80 -19.04 -7.49
N ILE A 158 11.41 -18.53 -8.67
CA ILE A 158 10.11 -18.81 -9.27
C ILE A 158 10.33 -19.49 -10.61
N THR A 159 9.60 -20.57 -10.85
CA THR A 159 9.59 -21.22 -12.16
C THR A 159 8.23 -20.99 -12.83
N ASP A 160 8.27 -20.89 -14.16
CA ASP A 160 7.08 -20.73 -14.98
C ASP A 160 6.74 -22.07 -15.66
N PRO A 161 5.87 -22.87 -15.04
CA PRO A 161 5.53 -24.18 -15.65
C PRO A 161 4.82 -24.06 -16.99
N ARG A 162 4.43 -22.88 -17.42
CA ARG A 162 3.76 -22.71 -18.72
C ARG A 162 4.73 -22.44 -19.85
N LEU A 163 6.03 -22.13 -19.57
CA LEU A 163 7.12 -22.08 -20.52
C LEU A 163 7.68 -23.49 -20.72
N PRO A 164 8.24 -23.84 -21.87
CA PRO A 164 8.71 -25.23 -22.04
C PRO A 164 9.76 -25.59 -20.99
N ASP A 165 9.53 -26.72 -20.32
CA ASP A 165 10.46 -27.34 -19.36
C ASP A 165 10.58 -26.57 -18.04
N ASN A 166 9.59 -25.74 -17.70
CA ASN A 166 9.47 -25.13 -16.38
C ASN A 166 10.72 -24.36 -15.94
N PRO A 167 11.19 -23.41 -16.74
CA PRO A 167 12.46 -22.71 -16.42
C PRO A 167 12.31 -21.72 -15.26
N ILE A 168 13.46 -21.40 -14.67
CA ILE A 168 13.55 -20.34 -13.68
C ILE A 168 13.36 -18.99 -14.37
N ILE A 169 12.42 -18.18 -13.86
CA ILE A 169 12.24 -16.82 -14.35
C ILE A 169 12.54 -15.77 -13.30
N PHE A 170 12.86 -16.19 -12.07
CA PHE A 170 13.24 -15.28 -11.00
C PHE A 170 14.19 -16.01 -10.05
N ALA A 171 15.26 -15.33 -9.63
CA ALA A 171 16.14 -15.85 -8.60
C ALA A 171 16.61 -14.69 -7.72
N SER A 172 16.31 -14.77 -6.43
CA SER A 172 16.80 -13.82 -5.44
C SER A 172 18.32 -13.88 -5.29
N ASP A 173 18.89 -12.77 -4.82
CA ASP A 173 20.33 -12.67 -4.61
C ASP A 173 20.87 -13.85 -3.79
N SER A 174 20.15 -14.23 -2.72
CA SER A 174 20.57 -15.36 -1.88
C SER A 174 20.86 -16.60 -2.71
N PHE A 175 19.98 -16.90 -3.68
CA PHE A 175 20.14 -18.10 -4.51
C PHE A 175 21.41 -18.03 -5.35
N LEU A 176 21.79 -16.82 -5.80
CA LEU A 176 23.06 -16.64 -6.49
C LEU A 176 24.24 -16.92 -5.56
N GLN A 177 24.14 -16.47 -4.31
CA GLN A 177 25.20 -16.76 -3.33
C GLN A 177 25.37 -18.26 -3.11
N LEU A 178 24.26 -19.00 -3.00
CA LEU A 178 24.35 -20.41 -2.64
C LEU A 178 24.97 -21.22 -3.77
N THR A 179 24.55 -20.97 -5.00
CA THR A 179 24.93 -21.82 -6.13
C THR A 179 26.19 -21.36 -6.83
N GLU A 180 26.56 -20.09 -6.66
CA GLU A 180 27.71 -19.42 -7.26
C GLU A 180 27.47 -19.07 -8.72
N TYR A 181 26.28 -19.31 -9.26
CA TYR A 181 25.95 -18.85 -10.60
C TYR A 181 25.49 -17.41 -10.56
N SER A 182 25.69 -16.72 -11.67
CA SER A 182 25.14 -15.38 -11.89
C SER A 182 23.72 -15.49 -12.44
N ARG A 183 22.95 -14.40 -12.31
CA ARG A 183 21.56 -14.42 -12.74
C ARG A 183 21.41 -14.77 -14.22
N GLU A 184 22.36 -14.33 -15.06
CA GLU A 184 22.34 -14.62 -16.50
C GLU A 184 22.58 -16.10 -16.78
N GLU A 185 23.32 -16.80 -15.93
CA GLU A 185 23.52 -18.24 -16.06
C GLU A 185 22.35 -19.05 -15.48
N ILE A 186 21.43 -18.43 -14.75
CA ILE A 186 20.33 -19.14 -14.09
C ILE A 186 19.02 -19.02 -14.86
N LEU A 187 18.60 -17.81 -15.20
CA LEU A 187 17.25 -17.61 -15.74
C LEU A 187 17.08 -18.30 -17.11
N GLY A 188 15.89 -18.84 -17.35
CA GLY A 188 15.57 -19.54 -18.58
C GLY A 188 15.92 -21.01 -18.60
N ARG A 189 16.47 -21.55 -17.52
CA ARG A 189 16.86 -22.96 -17.45
C ARG A 189 16.11 -23.69 -16.34
N ASN A 190 15.93 -24.99 -16.52
CA ASN A 190 15.35 -25.81 -15.47
C ASN A 190 16.34 -25.96 -14.33
N CYS A 191 15.85 -25.85 -13.09
CA CYS A 191 16.71 -25.90 -11.92
C CYS A 191 17.46 -27.22 -11.76
N ARG A 192 17.22 -28.19 -12.61
CA ARG A 192 17.95 -29.44 -12.47
C ARG A 192 19.41 -29.33 -12.87
N PHE A 193 19.88 -28.16 -13.31
CA PHE A 193 21.28 -28.00 -13.68
C PHE A 193 22.21 -28.02 -12.46
N LEU A 194 21.66 -27.90 -11.25
CA LEU A 194 22.45 -28.00 -10.04
C LEU A 194 22.80 -29.44 -9.66
N GLN A 195 22.23 -30.42 -10.34
CA GLN A 195 22.46 -31.81 -10.02
C GLN A 195 23.75 -32.34 -10.67
N GLY A 196 24.30 -33.38 -10.06
CA GLY A 196 25.53 -33.99 -10.54
C GLY A 196 25.60 -35.45 -10.18
N PRO A 197 26.78 -36.07 -10.29
CA PRO A 197 26.85 -37.54 -10.20
C PRO A 197 26.32 -38.14 -8.91
N GLU A 198 26.47 -37.48 -7.77
CA GLU A 198 26.08 -38.08 -6.50
C GLU A 198 24.68 -37.69 -6.07
N THR A 199 23.87 -37.16 -7.01
CA THR A 199 22.47 -36.80 -6.72
C THR A 199 21.62 -38.06 -6.73
N ASP A 200 20.98 -38.35 -5.60
CA ASP A 200 20.07 -39.48 -5.42
C ASP A 200 18.94 -39.43 -6.45
N ARG A 201 18.95 -40.36 -7.41
CA ARG A 201 17.95 -40.33 -8.48
C ARG A 201 16.53 -40.59 -7.97
N ALA A 202 16.39 -41.41 -6.93
CA ALA A 202 15.06 -41.69 -6.38
C ALA A 202 14.43 -40.42 -5.83
N THR A 203 15.24 -39.52 -5.26
CA THR A 203 14.73 -38.25 -4.76
C THR A 203 14.29 -37.35 -5.91
N VAL A 204 15.01 -37.37 -7.02
CA VAL A 204 14.66 -36.54 -8.16
C VAL A 204 13.30 -36.95 -8.72
N ARG A 205 13.01 -38.26 -8.73
CA ARG A 205 11.68 -38.75 -9.08
C ARG A 205 10.60 -38.24 -8.13
N LYS A 206 10.90 -38.18 -6.82
CA LYS A 206 9.92 -37.61 -5.88
C LYS A 206 9.58 -36.18 -6.26
N ILE A 207 10.59 -35.40 -6.67
CA ILE A 207 10.33 -34.05 -7.12
C ILE A 207 9.53 -34.08 -8.41
N ARG A 208 9.94 -34.91 -9.36
CA ARG A 208 9.30 -34.95 -10.67
C ARG A 208 7.83 -35.34 -10.54
N ASP A 209 7.54 -36.36 -9.71
CA ASP A 209 6.15 -36.79 -9.51
C ASP A 209 5.30 -35.69 -8.89
N ALA A 210 5.81 -35.02 -7.86
CA ALA A 210 5.02 -33.98 -7.18
C ALA A 210 4.71 -32.83 -8.12
N ILE A 211 5.71 -32.35 -8.87
CA ILE A 211 5.47 -31.27 -9.80
C ILE A 211 4.40 -31.68 -10.82
N ASP A 212 4.54 -32.89 -11.35
CA ASP A 212 3.53 -33.42 -12.26
C ASP A 212 2.15 -33.48 -11.61
N ASN A 213 2.08 -33.75 -10.30
CA ASN A 213 0.81 -33.72 -9.58
C ASN A 213 0.48 -32.35 -9.02
N GLN A 214 1.24 -31.33 -9.38
CA GLN A 214 0.96 -29.96 -9.00
C GLN A 214 0.74 -29.84 -7.50
N THR A 215 1.73 -30.34 -6.76
CA THR A 215 1.64 -30.50 -5.33
C THR A 215 3.01 -30.18 -4.71
N GLU A 216 2.98 -29.79 -3.44
CA GLU A 216 4.21 -29.42 -2.75
C GLU A 216 5.02 -30.66 -2.37
N VAL A 217 6.34 -30.46 -2.27
CA VAL A 217 7.23 -31.50 -1.77
C VAL A 217 8.42 -30.80 -1.13
N THR A 218 8.98 -31.41 -0.09
CA THR A 218 10.20 -30.98 0.57
C THR A 218 11.20 -32.12 0.51
N VAL A 219 12.41 -31.84 0.05
CA VAL A 219 13.45 -32.85 -0.07
C VAL A 219 14.79 -32.25 0.35
N GLN A 220 15.75 -33.14 0.60
CA GLN A 220 17.17 -32.81 0.69
C GLN A 220 17.91 -33.64 -0.36
N LEU A 221 18.92 -33.04 -0.97
CA LEU A 221 19.42 -33.46 -2.28
C LEU A 221 20.85 -32.97 -2.43
N ILE A 222 21.65 -33.76 -3.14
CA ILE A 222 23.02 -33.34 -3.44
C ILE A 222 22.99 -32.44 -4.68
N ASN A 223 23.57 -31.25 -4.54
CA ASN A 223 23.67 -30.25 -5.59
C ASN A 223 25.12 -29.81 -5.72
N TYR A 224 25.39 -29.04 -6.77
CA TYR A 224 26.75 -28.62 -7.06
C TYR A 224 26.76 -27.13 -7.32
N THR A 225 27.81 -26.47 -6.83
CA THR A 225 28.01 -25.09 -7.23
C THR A 225 28.62 -25.04 -8.63
N LYS A 226 28.59 -23.83 -9.21
CA LYS A 226 29.20 -23.60 -10.51
C LYS A 226 30.66 -24.06 -10.53
N SER A 227 31.34 -23.99 -9.38
CA SER A 227 32.74 -24.37 -9.28
C SER A 227 32.92 -25.83 -8.86
N GLY A 228 31.88 -26.65 -8.91
CA GLY A 228 31.99 -28.08 -8.69
C GLY A 228 31.89 -28.52 -7.25
N LYS A 229 31.69 -27.59 -6.32
CA LYS A 229 31.54 -27.91 -4.90
C LYS A 229 30.20 -28.60 -4.62
N LYS A 230 30.26 -29.86 -4.17
CA LYS A 230 29.09 -30.57 -3.69
C LYS A 230 28.51 -29.88 -2.45
N PHE A 231 27.17 -29.94 -2.32
CA PHE A 231 26.53 -29.41 -1.12
C PHE A 231 25.14 -30.03 -0.95
N TRP A 232 24.72 -30.18 0.30
CA TRP A 232 23.38 -30.68 0.61
C TRP A 232 22.40 -29.51 0.49
N ASN A 233 21.36 -29.68 -0.34
CA ASN A 233 20.41 -28.62 -0.59
C ASN A 233 19.08 -29.05 0.01
N LEU A 234 18.65 -28.35 1.06
CA LEU A 234 17.36 -28.56 1.68
C LEU A 234 16.41 -27.54 1.06
N PHE A 235 15.51 -27.99 0.19
CA PHE A 235 14.62 -27.04 -0.48
C PHE A 235 13.19 -27.56 -0.56
N HIS A 236 12.25 -26.61 -0.58
CA HIS A 236 10.81 -26.87 -0.61
C HIS A 236 10.23 -26.17 -1.82
N LEU A 237 9.29 -26.84 -2.49
CA LEU A 237 8.59 -26.26 -3.63
C LEU A 237 7.09 -26.47 -3.48
N GLN A 238 6.33 -25.59 -4.12
CA GLN A 238 4.87 -25.60 -4.04
C GLN A 238 4.29 -24.69 -5.09
N PRO A 239 3.11 -25.01 -5.63
CA PRO A 239 2.54 -24.21 -6.72
C PRO A 239 1.90 -22.92 -6.23
N MET A 240 1.74 -21.99 -7.17
CA MET A 240 0.93 -20.81 -7.04
C MET A 240 -0.18 -20.83 -8.08
N ARG A 241 -1.39 -20.47 -7.66
CA ARG A 241 -2.54 -20.47 -8.54
C ARG A 241 -3.00 -19.05 -8.83
N ASP A 242 -3.56 -18.86 -10.01
CA ASP A 242 -4.03 -17.55 -10.48
C ASP A 242 -5.48 -17.35 -9.98
N GLN A 243 -6.21 -16.39 -10.55
CA GLN A 243 -7.58 -16.13 -10.09
C GLN A 243 -8.57 -17.19 -10.52
N LYS A 244 -8.16 -18.14 -11.38
CA LYS A 244 -8.99 -19.26 -11.76
C LYS A 244 -8.61 -20.55 -11.04
N GLY A 245 -7.67 -20.49 -10.09
CA GLY A 245 -7.21 -21.68 -9.40
C GLY A 245 -6.30 -22.60 -10.20
N ASP A 246 -5.82 -22.15 -11.36
CA ASP A 246 -4.86 -22.90 -12.16
C ASP A 246 -3.44 -22.54 -11.75
N VAL A 247 -2.56 -23.53 -11.76
CA VAL A 247 -1.15 -23.30 -11.42
C VAL A 247 -0.53 -22.41 -12.48
N GLN A 248 -0.08 -21.21 -12.08
CA GLN A 248 0.69 -20.37 -12.99
C GLN A 248 2.17 -20.25 -12.62
N TYR A 249 2.56 -20.61 -11.40
CA TYR A 249 3.97 -20.66 -11.04
C TYR A 249 4.24 -21.76 -10.02
N PHE A 250 5.53 -22.11 -9.88
CA PHE A 250 6.05 -22.80 -8.71
C PHE A 250 7.02 -21.87 -7.98
N ILE A 251 7.00 -21.93 -6.65
CA ILE A 251 7.92 -21.21 -5.79
C ILE A 251 8.86 -22.22 -5.18
N GLY A 252 10.15 -21.92 -5.20
CA GLY A 252 11.17 -22.78 -4.58
C GLY A 252 11.90 -22.02 -3.49
N VAL A 253 12.10 -22.68 -2.35
CA VAL A 253 12.80 -22.09 -1.21
C VAL A 253 13.91 -23.05 -0.81
N GLN A 254 15.15 -22.57 -0.87
CA GLN A 254 16.33 -23.35 -0.60
C GLN A 254 16.96 -22.85 0.70
N LEU A 255 17.60 -23.75 1.43
CA LEU A 255 18.31 -23.40 2.64
C LEU A 255 19.81 -23.43 2.39
N ASP A 256 20.53 -22.46 2.94
CA ASP A 256 21.97 -22.27 2.63
C ASP A 256 22.95 -23.28 3.21
N GLY A 257 24.06 -23.52 2.51
CA GLY A 257 25.13 -24.37 3.07
C GLY A 257 25.15 -25.80 2.56
N THR A 258 26.30 -26.47 2.73
CA THR A 258 26.41 -27.91 2.37
C THR A 258 25.69 -28.71 3.45
N GLU A 259 25.10 -28.02 4.42
CA GLU A 259 24.31 -28.67 5.48
C GLU A 259 25.16 -29.71 6.21
N HIS A 260 24.89 -31.00 5.96
CA HIS A 260 25.54 -32.10 6.71
C HIS A 260 24.94 -32.02 8.11
N VAL A 261 24.25 -30.91 8.39
CA VAL A 261 23.52 -30.73 9.65
C VAL A 261 22.08 -31.07 9.27
N ARG A 262 21.92 -31.76 8.14
CA ARG A 262 20.58 -32.13 7.60
C ARG A 262 19.93 -33.21 8.45
N ASP A 263 20.23 -33.22 9.75
CA ASP A 263 19.69 -34.27 10.66
C ASP A 263 19.32 -33.61 11.99
N ALA A 264 18.15 -33.92 12.53
CA ALA A 264 17.67 -33.30 13.79
C ALA A 264 17.46 -31.80 13.57
N ALA A 265 18.51 -31.07 13.15
CA ALA A 265 18.35 -29.64 12.81
C ALA A 265 17.57 -29.56 11.50
N GLU A 266 17.46 -30.69 10.79
CA GLU A 266 16.69 -30.74 9.54
C GLU A 266 15.23 -30.37 9.84
N ARG A 267 14.71 -30.83 10.97
CA ARG A 267 13.27 -30.57 11.28
C ARG A 267 13.08 -29.07 11.45
N GLU A 268 14.11 -28.36 11.93
CA GLU A 268 14.00 -26.89 12.04
C GLU A 268 14.20 -26.27 10.64
N GLY A 269 15.16 -26.79 9.88
CA GLY A 269 15.36 -26.29 8.52
C GLY A 269 14.14 -26.46 7.66
N VAL A 270 13.53 -27.65 7.71
CA VAL A 270 12.32 -27.91 6.95
C VAL A 270 11.23 -26.92 7.35
N MET A 271 11.06 -26.70 8.64
CA MET A 271 10.07 -25.76 9.11
C MET A 271 10.39 -24.35 8.64
N LEU A 272 11.67 -23.99 8.56
CA LEU A 272 12.01 -22.62 8.17
C LEU A 272 11.71 -22.37 6.70
N ILE A 273 12.04 -23.33 5.82
CA ILE A 273 11.83 -23.05 4.40
C ILE A 273 10.34 -23.15 4.04
N LYS A 274 9.59 -24.02 4.72
CA LYS A 274 8.14 -24.09 4.54
C LYS A 274 7.49 -22.78 4.98
N LYS A 275 7.92 -22.24 6.11
CA LYS A 275 7.37 -20.99 6.60
C LYS A 275 7.70 -19.84 5.66
N THR A 276 8.92 -19.83 5.11
CA THR A 276 9.30 -18.79 4.16
C THR A 276 8.44 -18.86 2.89
N ALA A 277 8.23 -20.08 2.37
CA ALA A 277 7.38 -20.25 1.20
C ALA A 277 5.99 -19.66 1.45
N GLU A 278 5.36 -20.03 2.58
CA GLU A 278 4.04 -19.52 2.93
C GLU A 278 4.03 -17.99 3.03
N ASN A 279 5.05 -17.41 3.65
CA ASN A 279 5.08 -15.96 3.82
C ASN A 279 5.18 -15.25 2.47
N ILE A 280 5.98 -15.80 1.56
CA ILE A 280 6.08 -15.21 0.23
C ILE A 280 4.75 -15.33 -0.50
N ASP A 281 4.15 -16.52 -0.46
CA ASP A 281 2.88 -16.72 -1.14
C ASP A 281 1.79 -15.83 -0.56
N GLU A 282 1.84 -15.61 0.75
CA GLU A 282 0.84 -14.77 1.39
C GLU A 282 0.95 -13.33 0.91
N ALA A 283 2.17 -12.89 0.59
CA ALA A 283 2.40 -11.49 0.24
C ALA A 283 2.30 -11.22 -1.27
N ALA A 284 2.47 -12.25 -2.10
CA ALA A 284 2.46 -12.07 -3.56
C ALA A 284 1.30 -11.20 -4.05
N PRO A 285 0.05 -11.37 -3.59
CA PRO A 285 -1.03 -10.54 -4.15
C PRO A 285 -0.97 -9.09 -3.70
N PHE A 286 -0.39 -8.83 -2.53
CA PHE A 286 -0.19 -7.44 -2.11
C PHE A 286 0.89 -6.75 -2.94
N TRP A 287 1.97 -7.46 -3.27
CA TRP A 287 3.00 -6.93 -4.16
C TRP A 287 2.38 -6.47 -5.47
N ARG A 288 1.48 -7.29 -6.03
CA ARG A 288 0.86 -7.03 -7.32
C ARG A 288 -0.24 -5.99 -7.22
N GLU A 289 -0.89 -5.89 -6.05
CA GLU A 289 -1.95 -4.91 -5.82
C GLU A 289 -1.43 -3.48 -5.72
N THR A 290 -0.11 -3.25 -5.80
CA THR A 290 0.40 -1.88 -5.75
C THR A 290 0.03 -1.09 -7.00
N PHE A 291 0.19 -1.68 -8.18
CA PHE A 291 -0.19 -0.93 -9.36
C PHE A 291 -1.69 -0.69 -9.41
N GLN A 292 -2.48 -1.60 -8.85
CA GLN A 292 -3.91 -1.35 -8.84
C GLN A 292 -4.24 -0.16 -7.96
N ALA A 293 -3.48 0.03 -6.89
CA ALA A 293 -3.74 1.18 -6.03
C ALA A 293 -3.28 2.47 -6.70
N PHE A 294 -2.21 2.39 -7.49
CA PHE A 294 -1.79 3.55 -8.28
C PHE A 294 -2.95 4.04 -9.10
N ARG A 295 -3.74 3.10 -9.64
CA ARG A 295 -4.86 3.42 -10.56
C ARG A 295 -6.12 3.89 -9.82
N THR A 296 -5.97 4.71 -8.80
CA THR A 296 -7.08 5.26 -8.03
C THR A 296 -6.75 6.72 -7.80
N THR A 297 -7.77 7.50 -7.46
CA THR A 297 -7.64 8.95 -7.27
C THR A 297 -7.00 9.26 -5.92
N ASP A 298 -7.71 8.95 -4.83
CA ASP A 298 -7.32 9.45 -3.52
C ASP A 298 -6.11 8.69 -2.97
N VAL A 299 -6.12 7.36 -3.03
CA VAL A 299 -4.95 6.62 -2.55
C VAL A 299 -3.80 6.75 -3.55
N GLY A 300 -4.10 6.64 -4.85
CA GLY A 300 -3.03 6.58 -5.84
C GLY A 300 -2.23 7.87 -5.89
N ARG A 301 -2.92 9.01 -5.76
CA ARG A 301 -2.24 10.30 -5.75
C ARG A 301 -1.43 10.52 -4.47
N LYS A 302 -1.90 10.00 -3.34
CA LYS A 302 -1.13 10.10 -2.11
C LYS A 302 0.16 9.28 -2.20
N LEU A 303 0.10 8.08 -2.79
CA LEU A 303 1.32 7.28 -2.99
C LEU A 303 2.29 7.96 -3.95
N ILE A 304 1.80 8.37 -5.13
CA ILE A 304 2.67 8.77 -6.24
C ILE A 304 3.01 10.25 -6.20
N ILE A 305 2.05 11.12 -5.89
CA ILE A 305 2.30 12.56 -5.89
C ILE A 305 2.79 13.04 -4.52
N ASP A 306 2.08 12.70 -3.43
CA ASP A 306 2.50 13.13 -2.10
C ASP A 306 3.75 12.38 -1.63
N GLN A 307 3.80 11.06 -1.84
CA GLN A 307 4.89 10.27 -1.28
C GLN A 307 6.03 10.00 -2.26
N ASN A 308 5.77 10.11 -3.56
CA ASN A 308 6.77 9.85 -4.60
C ASN A 308 7.17 8.37 -4.65
N VAL A 309 6.21 7.47 -4.45
CA VAL A 309 6.54 6.05 -4.47
C VAL A 309 7.01 5.61 -5.85
N PHE A 310 6.51 6.25 -6.93
CA PHE A 310 6.89 5.81 -8.27
C PHE A 310 8.37 6.01 -8.56
N ILE A 311 8.94 7.12 -8.08
CA ILE A 311 10.38 7.36 -8.23
C ILE A 311 11.16 6.54 -7.20
N GLU A 312 10.80 6.67 -5.91
CA GLU A 312 11.56 6.02 -4.85
C GLU A 312 11.33 4.51 -4.75
N GLY A 313 10.17 4.01 -5.20
CA GLY A 313 9.87 2.59 -5.06
C GLY A 313 9.65 1.73 -6.29
N THR A 314 9.05 2.30 -7.33
CA THR A 314 8.67 1.53 -8.51
C THR A 314 9.86 1.57 -9.47
N LEU A 315 10.47 2.73 -9.65
CA LEU A 315 11.57 2.84 -10.60
C LEU A 315 12.71 1.87 -10.29
N PRO A 316 13.23 1.78 -9.04
CA PRO A 316 14.29 0.78 -8.80
C PRO A 316 13.79 -0.64 -8.98
N MET A 317 12.50 -0.87 -8.76
CA MET A 317 11.95 -2.20 -8.96
C MET A 317 11.67 -2.51 -10.42
N GLY A 318 12.00 -1.59 -11.33
CA GLY A 318 12.01 -1.83 -12.76
C GLY A 318 13.39 -2.10 -13.34
N VAL A 319 14.41 -2.26 -12.50
CA VAL A 319 15.77 -2.61 -12.91
C VAL A 319 16.22 -3.80 -12.07
N VAL A 320 16.74 -4.84 -12.73
CA VAL A 320 17.25 -5.98 -11.98
C VAL A 320 18.47 -5.58 -11.14
N ARG A 321 19.41 -4.87 -11.75
CA ARG A 321 20.59 -4.46 -11.02
C ARG A 321 20.28 -3.23 -10.15
N PRO A 322 21.07 -2.97 -9.11
CA PRO A 322 20.79 -1.81 -8.27
C PRO A 322 21.20 -0.52 -8.97
N LEU A 323 20.34 0.50 -8.88
CA LEU A 323 20.67 1.82 -9.40
C LEU A 323 21.54 2.56 -8.38
N THR A 324 22.60 3.21 -8.85
CA THR A 324 23.43 3.98 -7.94
C THR A 324 22.73 5.27 -7.53
N GLU A 325 23.28 5.90 -6.51
CA GLU A 325 22.77 7.18 -6.03
C GLU A 325 22.80 8.24 -7.12
N VAL A 326 23.90 8.31 -7.88
CA VAL A 326 24.00 9.27 -8.97
C VAL A 326 22.83 9.08 -9.94
N GLU A 327 22.59 7.83 -10.34
CA GLU A 327 21.52 7.57 -11.29
C GLU A 327 20.15 7.88 -10.70
N MET A 328 19.95 7.62 -9.41
CA MET A 328 18.67 7.94 -8.79
C MET A 328 18.42 9.45 -8.72
N ASP A 329 19.46 10.26 -8.52
CA ASP A 329 19.29 11.72 -8.52
C ASP A 329 18.97 12.26 -9.90
N HIS A 330 19.56 11.69 -10.96
CA HIS A 330 19.15 12.08 -12.30
C HIS A 330 17.66 11.84 -12.52
N TYR A 331 17.17 10.66 -12.13
CA TYR A 331 15.74 10.40 -12.29
C TYR A 331 14.90 11.24 -11.36
N ARG A 332 15.44 11.62 -10.19
CA ARG A 332 14.69 12.42 -9.22
C ARG A 332 14.55 13.87 -9.68
N GLU A 333 15.54 14.38 -10.41
CA GLU A 333 15.68 15.81 -10.71
C GLU A 333 14.40 16.48 -11.19
N PRO A 334 13.69 15.98 -12.20
CA PRO A 334 12.52 16.72 -12.69
C PRO A 334 11.37 16.78 -11.69
N PHE A 335 11.41 15.98 -10.61
CA PHE A 335 10.25 15.79 -9.75
C PHE A 335 10.53 16.10 -8.28
N LEU A 336 11.57 16.89 -8.01
CA LEU A 336 11.82 17.33 -6.63
C LEU A 336 10.64 18.12 -6.06
N ASN A 337 9.90 18.84 -6.91
CA ASN A 337 8.72 19.57 -6.46
C ASN A 337 7.49 18.69 -6.52
N PRO A 338 6.82 18.43 -5.40
CA PRO A 338 5.64 17.53 -5.45
C PRO A 338 4.60 17.90 -6.50
N VAL A 339 4.38 19.21 -6.78
CA VAL A 339 3.34 19.63 -7.73
C VAL A 339 3.62 19.17 -9.17
N ASP A 340 4.86 18.80 -9.49
CA ASP A 340 5.26 18.42 -10.83
C ASP A 340 5.08 16.93 -11.10
N ARG A 341 4.41 16.20 -10.22
CA ARG A 341 4.36 14.75 -10.31
C ARG A 341 3.12 14.22 -11.04
N GLU A 342 2.30 15.10 -11.59
CA GLU A 342 1.10 14.68 -12.32
C GLU A 342 1.38 13.61 -13.38
N PRO A 343 2.34 13.77 -14.30
CA PRO A 343 2.51 12.73 -15.33
C PRO A 343 2.88 11.37 -14.75
N LEU A 344 3.52 11.35 -13.56
CA LEU A 344 3.83 10.08 -12.91
C LEU A 344 2.56 9.32 -12.52
N TRP A 345 1.53 10.04 -12.09
CA TRP A 345 0.31 9.38 -11.65
C TRP A 345 -0.64 9.09 -12.81
N ARG A 346 -0.76 10.00 -13.79
CA ARG A 346 -1.70 9.76 -14.90
C ARG A 346 -1.24 8.64 -15.83
N PHE A 347 0.07 8.46 -16.05
CA PHE A 347 0.52 7.38 -16.92
C PHE A 347 0.01 6.02 -16.49
N PRO A 348 0.23 5.54 -15.24
CA PRO A 348 -0.30 4.22 -14.89
C PRO A 348 -1.82 4.14 -14.96
N ASN A 349 -2.52 5.25 -14.74
CA ASN A 349 -3.97 5.24 -14.93
C ASN A 349 -4.38 5.14 -16.40
N GLU A 350 -3.47 5.36 -17.35
CA GLU A 350 -3.78 5.17 -18.76
C GLU A 350 -3.49 3.76 -19.26
N LEU A 351 -2.74 2.95 -18.50
CA LEU A 351 -2.32 1.63 -18.96
C LEU A 351 -3.52 0.74 -19.31
N PRO A 352 -3.52 0.06 -20.48
CA PRO A 352 -4.69 -0.74 -20.89
C PRO A 352 -4.71 -2.15 -20.31
N ILE A 353 -5.19 -2.27 -19.06
CA ILE A 353 -5.17 -3.53 -18.33
C ILE A 353 -6.59 -3.94 -17.99
N ALA A 354 -6.94 -5.18 -18.34
CA ALA A 354 -8.26 -5.75 -18.07
C ALA A 354 -9.36 -4.86 -18.65
N GLY A 355 -9.09 -4.26 -19.80
CA GLY A 355 -10.07 -3.52 -20.56
C GLY A 355 -10.28 -2.07 -20.15
N GLU A 356 -9.54 -1.57 -19.15
CA GLU A 356 -9.74 -0.17 -18.79
C GLU A 356 -8.40 0.56 -18.83
N PRO A 357 -8.37 1.79 -19.31
CA PRO A 357 -9.49 2.54 -19.91
C PRO A 357 -9.84 2.02 -21.30
N ALA A 358 -11.13 1.93 -21.61
CA ALA A 358 -11.55 1.41 -22.91
C ALA A 358 -10.91 2.19 -24.07
N ASN A 359 -10.85 3.52 -23.98
CA ASN A 359 -10.34 4.32 -25.09
C ASN A 359 -8.88 4.00 -25.40
N ILE A 360 -8.05 3.80 -24.36
CA ILE A 360 -6.65 3.43 -24.63
C ILE A 360 -6.55 1.99 -25.14
N VAL A 361 -7.33 1.07 -24.55
CA VAL A 361 -7.38 -0.30 -25.07
C VAL A 361 -7.64 -0.31 -26.58
N ALA A 362 -8.69 0.38 -27.02
CA ALA A 362 -9.00 0.43 -28.45
C ALA A 362 -7.82 0.97 -29.27
N LEU A 363 -7.19 2.04 -28.79
CA LEU A 363 -6.11 2.67 -29.54
C LEU A 363 -4.91 1.73 -29.70
N VAL A 364 -4.53 1.04 -28.63
CA VAL A 364 -3.37 0.16 -28.68
C VAL A 364 -3.67 -1.07 -29.53
N GLU A 365 -4.90 -1.57 -29.46
CA GLU A 365 -5.32 -2.63 -30.35
C GLU A 365 -5.15 -2.21 -31.81
N GLU A 366 -5.54 -0.97 -32.13
CA GLU A 366 -5.48 -0.50 -33.51
C GLU A 366 -4.05 -0.50 -34.04
N TYR A 367 -3.07 -0.05 -33.24
CA TYR A 367 -1.71 -0.02 -33.75
C TYR A 367 -1.03 -1.38 -33.65
N MET A 368 -1.43 -2.23 -32.68
CA MET A 368 -1.00 -3.62 -32.73
C MET A 368 -1.47 -4.29 -34.03
N ASP A 369 -2.71 -4.03 -34.44
CA ASP A 369 -3.20 -4.57 -35.71
C ASP A 369 -2.35 -4.07 -36.87
N TRP A 370 -2.09 -2.76 -36.90
CA TRP A 370 -1.24 -2.18 -37.93
C TRP A 370 0.11 -2.89 -38.00
N LEU A 371 0.79 -3.00 -36.83
CA LEU A 371 2.12 -3.60 -36.76
C LEU A 371 2.13 -5.04 -37.23
N HIS A 372 1.00 -5.73 -37.16
CA HIS A 372 0.94 -7.11 -37.60
C HIS A 372 0.84 -7.24 -39.12
N GLN A 373 0.34 -6.23 -39.83
CA GLN A 373 0.33 -6.30 -41.28
C GLN A 373 1.41 -5.43 -41.93
N SER A 374 2.22 -4.70 -41.14
CA SER A 374 3.21 -3.78 -41.69
C SER A 374 4.53 -4.50 -42.01
N PRO A 375 5.09 -4.32 -43.21
CA PRO A 375 6.38 -4.93 -43.54
C PRO A 375 7.59 -4.19 -42.96
N VAL A 376 7.38 -3.09 -42.23
CA VAL A 376 8.49 -2.29 -41.73
C VAL A 376 9.42 -3.17 -40.89
N PRO A 377 10.74 -3.02 -41.01
CA PRO A 377 11.64 -3.83 -40.19
C PRO A 377 11.44 -3.55 -38.71
N LYS A 378 11.60 -4.60 -37.90
CA LYS A 378 11.23 -4.55 -36.48
C LYS A 378 12.27 -5.29 -35.65
N LEU A 379 12.78 -4.61 -34.62
CA LEU A 379 13.79 -5.14 -33.71
C LEU A 379 13.25 -5.04 -32.29
N LEU A 380 13.01 -6.19 -31.65
CA LEU A 380 12.38 -6.24 -30.32
C LEU A 380 13.31 -6.87 -29.30
N PHE A 381 13.52 -6.17 -28.18
CA PHE A 381 14.31 -6.66 -27.06
C PHE A 381 13.38 -7.06 -25.91
N TRP A 382 13.78 -8.10 -25.17
CA TRP A 382 13.00 -8.62 -24.07
C TRP A 382 13.93 -9.20 -23.01
N GLY A 383 13.44 -9.22 -21.77
CA GLY A 383 14.20 -9.76 -20.65
C GLY A 383 13.36 -10.72 -19.83
N THR A 384 14.00 -11.33 -18.84
CA THR A 384 13.34 -12.27 -17.94
C THR A 384 13.37 -11.74 -16.51
N PRO A 385 12.20 -11.58 -15.85
CA PRO A 385 10.85 -11.92 -16.31
C PRO A 385 10.18 -10.80 -17.14
N GLY A 386 10.82 -9.64 -17.33
CA GLY A 386 10.14 -8.49 -17.93
C GLY A 386 9.03 -8.02 -17.01
N VAL A 387 8.35 -6.94 -17.44
CA VAL A 387 7.21 -6.39 -16.71
C VAL A 387 5.99 -6.32 -17.62
N LEU A 388 6.05 -5.45 -18.64
CA LEU A 388 4.95 -5.34 -19.59
C LEU A 388 4.95 -6.48 -20.60
N ILE A 389 6.13 -6.95 -20.99
CA ILE A 389 6.26 -7.99 -22.01
C ILE A 389 6.85 -9.24 -21.37
N PRO A 390 6.03 -10.21 -20.98
CA PRO A 390 6.58 -11.46 -20.47
C PRO A 390 7.26 -12.21 -21.60
N PRO A 391 8.14 -13.16 -21.27
CA PRO A 391 8.85 -13.91 -22.32
C PRO A 391 7.93 -14.59 -23.31
N ALA A 392 6.85 -15.23 -22.85
CA ALA A 392 5.97 -15.94 -23.77
C ALA A 392 5.40 -15.00 -24.83
N GLU A 393 5.10 -13.77 -24.44
CA GLU A 393 4.56 -12.80 -25.38
C GLU A 393 5.63 -12.33 -26.37
N ALA A 394 6.86 -12.14 -25.88
CA ALA A 394 8.00 -11.90 -26.78
C ALA A 394 8.12 -13.00 -27.81
N ALA A 395 8.05 -14.27 -27.35
CA ALA A 395 8.13 -15.40 -28.27
C ALA A 395 7.01 -15.35 -29.31
N ARG A 396 5.78 -15.08 -28.86
CA ARG A 396 4.65 -14.99 -29.79
C ARG A 396 4.87 -13.93 -30.86
N LEU A 397 5.32 -12.73 -30.44
CA LEU A 397 5.52 -11.63 -31.37
C LEU A 397 6.67 -11.90 -32.34
N ALA A 398 7.71 -12.60 -31.88
CA ALA A 398 8.82 -12.97 -32.77
C ALA A 398 8.35 -13.79 -33.96
N LYS A 399 7.24 -14.51 -33.81
CA LYS A 399 6.68 -15.29 -34.91
C LYS A 399 5.54 -14.59 -35.62
N SER A 400 4.80 -13.69 -34.94
CA SER A 400 3.63 -13.02 -35.53
C SER A 400 4.05 -11.81 -36.37
N LEU A 401 4.86 -10.94 -35.81
CA LEU A 401 5.19 -9.71 -36.50
C LEU A 401 6.04 -10.05 -37.73
N PRO A 402 5.71 -9.49 -38.90
CA PRO A 402 6.59 -9.65 -40.05
C PRO A 402 7.84 -8.79 -39.91
N ASN A 403 8.93 -9.28 -40.51
CA ASN A 403 10.22 -8.59 -40.53
C ASN A 403 10.72 -8.26 -39.13
N CYS A 404 10.61 -9.22 -38.23
CA CYS A 404 10.90 -9.02 -36.82
C CYS A 404 12.07 -9.89 -36.40
N LYS A 405 13.11 -9.27 -35.85
CA LYS A 405 14.24 -9.94 -35.21
C LYS A 405 14.20 -9.66 -33.70
N ALA A 406 14.06 -10.70 -32.89
CA ALA A 406 13.96 -10.54 -31.43
C ALA A 406 15.29 -10.80 -30.73
N VAL A 407 15.59 -10.02 -29.69
CA VAL A 407 16.86 -10.17 -28.98
C VAL A 407 16.63 -10.25 -27.47
N ASP A 408 17.07 -11.36 -26.87
CA ASP A 408 17.01 -11.61 -25.43
C ASP A 408 18.18 -10.90 -24.76
N ILE A 409 17.89 -9.99 -23.83
CA ILE A 409 18.94 -9.14 -23.24
C ILE A 409 19.41 -9.72 -21.91
N GLY A 410 18.94 -10.90 -21.56
CA GLY A 410 19.24 -11.48 -20.27
C GLY A 410 18.23 -11.07 -19.22
N PRO A 411 18.62 -11.15 -17.94
CA PRO A 411 17.76 -10.67 -16.86
C PRO A 411 17.31 -9.22 -17.07
N GLY A 412 16.00 -8.99 -16.97
CA GLY A 412 15.48 -7.66 -17.17
C GLY A 412 14.07 -7.51 -16.68
N LEU A 413 13.71 -6.28 -16.32
CA LEU A 413 12.34 -6.00 -15.84
C LEU A 413 11.67 -5.01 -16.80
N ASN A 414 11.72 -3.70 -16.52
CA ASN A 414 11.14 -2.74 -17.47
C ASN A 414 12.16 -1.84 -18.13
N LEU A 415 13.09 -1.26 -17.36
CA LEU A 415 14.10 -0.36 -17.91
C LEU A 415 15.31 -1.17 -18.40
N LEU A 416 15.08 -1.93 -19.49
CA LEU A 416 16.10 -2.84 -20.02
C LEU A 416 17.38 -2.11 -20.42
N GLN A 417 17.29 -0.84 -20.80
CA GLN A 417 18.50 -0.10 -21.13
C GLN A 417 19.45 0.00 -19.94
N GLU A 418 18.93 -0.20 -18.72
CA GLU A 418 19.76 -0.08 -17.52
C GLU A 418 20.42 -1.39 -17.10
N ASP A 419 19.91 -2.53 -17.55
CA ASP A 419 20.53 -3.80 -17.22
C ASP A 419 21.51 -4.25 -18.28
N ASN A 420 21.34 -3.82 -19.53
CA ASN A 420 22.23 -4.29 -20.58
C ASN A 420 22.31 -3.31 -21.74
N PRO A 421 22.80 -2.08 -21.51
CA PRO A 421 22.84 -1.10 -22.60
C PRO A 421 23.79 -1.48 -23.73
N ASP A 422 24.91 -2.16 -23.43
CA ASP A 422 25.89 -2.46 -24.47
C ASP A 422 25.33 -3.41 -25.53
N LEU A 423 24.55 -4.41 -25.12
CA LEU A 423 23.91 -5.27 -26.12
C LEU A 423 22.86 -4.51 -26.92
N ILE A 424 21.95 -3.81 -26.24
CA ILE A 424 20.89 -3.09 -26.93
C ILE A 424 21.49 -2.10 -27.92
N GLY A 425 22.52 -1.35 -27.50
CA GLY A 425 23.08 -0.35 -28.38
C GLY A 425 23.76 -0.97 -29.60
N SER A 426 24.61 -1.97 -29.39
CA SER A 426 25.35 -2.54 -30.51
C SER A 426 24.42 -3.27 -31.46
N GLU A 427 23.42 -3.98 -30.92
CA GLU A 427 22.40 -4.61 -31.75
C GLU A 427 21.66 -3.59 -32.61
N ILE A 428 21.29 -2.44 -32.02
CA ILE A 428 20.66 -1.37 -32.78
C ILE A 428 21.58 -0.89 -33.89
N ALA A 429 22.89 -0.75 -33.59
CA ALA A 429 23.84 -0.24 -34.58
C ALA A 429 24.02 -1.19 -35.76
N ARG A 430 24.14 -2.50 -35.51
CA ARG A 430 24.25 -3.43 -36.64
C ARG A 430 22.95 -3.49 -37.43
N TRP A 431 21.82 -3.54 -36.73
CA TRP A 431 20.50 -3.50 -37.35
C TRP A 431 20.38 -2.33 -38.32
N LEU A 432 20.80 -1.13 -37.88
CA LEU A 432 20.71 0.06 -38.70
C LEU A 432 21.53 -0.07 -39.98
N SER A 433 22.63 -0.81 -39.91
CA SER A 433 23.46 -1.04 -41.09
C SER A 433 22.75 -1.87 -42.16
N THR A 434 21.78 -2.69 -41.75
CA THR A 434 21.05 -3.58 -42.65
C THR A 434 19.79 -2.94 -43.25
N LEU A 435 19.56 -1.65 -43.03
CA LEU A 435 18.33 -0.99 -43.45
C LEU A 435 18.58 -0.15 -44.71
N GLU A 436 17.67 0.79 -44.97
CA GLU A 436 17.79 1.71 -46.10
C GLU A 436 18.23 3.11 -45.64
N GLU B 5 -7.68 23.06 23.88
CA GLU B 5 -6.30 23.45 24.17
C GLU B 5 -5.57 22.30 24.88
N ILE B 6 -5.54 21.14 24.22
CA ILE B 6 -5.12 19.90 24.86
C ILE B 6 -3.62 19.93 25.13
N GLY B 7 -3.24 19.57 26.36
CA GLY B 7 -1.84 19.69 26.75
C GLY B 7 -0.94 18.75 25.97
N THR B 8 0.27 19.23 25.71
CA THR B 8 1.28 18.43 25.05
C THR B 8 2.41 17.96 25.97
N GLY B 9 2.55 18.54 27.16
CA GLY B 9 3.65 18.18 28.04
C GLY B 9 3.48 16.82 28.68
N PHE B 10 4.59 16.28 29.17
CA PHE B 10 4.64 15.04 29.92
C PHE B 10 5.34 15.35 31.23
N PRO B 11 4.63 15.95 32.18
CA PRO B 11 5.27 16.37 33.45
C PRO B 11 5.21 15.29 34.52
N PHE B 12 5.87 14.16 34.26
CA PHE B 12 5.89 13.04 35.20
C PHE B 12 7.32 12.55 35.36
N ASP B 13 7.81 12.54 36.61
CA ASP B 13 9.13 12.02 36.87
C ASP B 13 9.18 10.54 36.48
N PRO B 14 10.30 10.08 35.94
CA PRO B 14 10.41 8.66 35.56
C PRO B 14 10.65 7.75 36.75
N HIS B 15 10.01 6.59 36.71
CA HIS B 15 10.26 5.51 37.64
C HIS B 15 10.60 4.23 36.86
N TYR B 16 11.43 3.38 37.47
CA TYR B 16 11.87 2.16 36.80
C TYR B 16 11.87 1.00 37.78
N VAL B 17 11.61 -0.20 37.25
CA VAL B 17 11.62 -1.44 38.00
C VAL B 17 12.22 -2.54 37.13
N GLU B 18 13.01 -3.42 37.74
CA GLU B 18 13.59 -4.56 37.02
C GLU B 18 12.52 -5.60 36.78
N VAL B 19 12.29 -5.96 35.52
CA VAL B 19 11.26 -6.94 35.17
C VAL B 19 11.87 -8.01 34.26
N LEU B 20 12.10 -9.21 34.81
CA LEU B 20 12.56 -10.36 34.02
C LEU B 20 13.83 -10.04 33.23
N GLY B 21 14.76 -9.33 33.86
CA GLY B 21 16.01 -9.02 33.22
C GLY B 21 16.04 -7.71 32.45
N GLU B 22 14.91 -7.02 32.33
CA GLU B 22 14.79 -5.78 31.57
C GLU B 22 14.19 -4.70 32.47
N ARG B 23 14.52 -3.45 32.18
CA ARG B 23 14.03 -2.32 32.96
C ARG B 23 12.75 -1.80 32.32
N MET B 24 11.70 -1.63 33.12
CA MET B 24 10.48 -1.02 32.65
C MET B 24 10.27 0.34 33.31
N HIS B 25 9.73 1.27 32.53
CA HIS B 25 9.44 2.63 32.98
C HIS B 25 7.96 2.76 33.34
N TYR B 26 7.66 3.58 34.34
CA TYR B 26 6.26 3.80 34.66
C TYR B 26 6.08 5.17 35.31
N VAL B 27 4.92 5.77 35.05
CA VAL B 27 4.42 6.91 35.81
C VAL B 27 3.91 6.43 37.17
N ASP B 28 4.19 7.20 38.24
CA ASP B 28 3.62 6.88 39.55
C ASP B 28 3.37 8.18 40.32
N VAL B 29 2.09 8.54 40.48
CA VAL B 29 1.68 9.81 41.11
C VAL B 29 0.45 9.54 41.96
N GLY B 30 0.09 10.53 42.79
CA GLY B 30 -1.08 10.44 43.62
C GLY B 30 -0.80 9.91 45.01
N PRO B 31 -1.83 9.81 45.85
CA PRO B 31 -1.61 9.37 47.25
C PRO B 31 -1.04 7.95 47.27
N ARG B 32 -0.60 7.51 48.46
CA ARG B 32 0.18 6.28 48.53
C ARG B 32 -0.54 5.07 49.10
N ASP B 33 -1.60 5.25 49.90
CA ASP B 33 -2.13 4.13 50.69
C ASP B 33 -3.63 3.93 50.46
N GLY B 34 -4.02 3.78 49.20
CA GLY B 34 -5.38 3.37 48.85
C GLY B 34 -5.39 2.35 47.74
N THR B 35 -6.55 2.15 47.09
CA THR B 35 -6.60 1.32 45.89
C THR B 35 -5.92 2.05 44.73
N PRO B 36 -4.94 1.46 44.08
CA PRO B 36 -4.29 2.13 42.95
C PRO B 36 -5.05 1.90 41.65
N VAL B 37 -4.91 2.86 40.74
CA VAL B 37 -5.52 2.79 39.41
C VAL B 37 -4.41 2.57 38.38
N LEU B 38 -4.52 1.49 37.62
CA LEU B 38 -3.49 1.04 36.69
C LEU B 38 -3.90 1.29 35.24
N PHE B 39 -3.12 2.13 34.54
CA PHE B 39 -3.40 2.55 33.16
C PHE B 39 -2.51 1.77 32.19
N LEU B 40 -3.14 1.09 31.23
CA LEU B 40 -2.43 0.27 30.25
C LEU B 40 -2.67 0.79 28.82
N HIS B 41 -1.67 1.47 28.26
CA HIS B 41 -1.67 1.88 26.86
C HIS B 41 -1.48 0.67 25.94
N GLY B 42 -1.65 0.89 24.64
CA GLY B 42 -1.45 -0.09 23.59
C GLY B 42 -0.54 0.44 22.48
N ASN B 43 -0.85 0.02 21.21
CA ASN B 43 -0.06 0.30 19.98
C ASN B 43 -0.61 1.49 19.21
N PRO B 44 0.22 2.47 18.79
CA PRO B 44 1.67 2.61 18.96
C PRO B 44 2.06 3.63 19.99
N THR B 45 1.38 3.63 21.15
CA THR B 45 1.49 4.70 22.12
C THR B 45 2.38 4.29 23.29
N SER B 46 2.21 4.96 24.42
CA SER B 46 2.96 4.76 25.66
C SER B 46 2.16 5.48 26.74
N SER B 47 2.74 5.63 27.94
CA SER B 47 1.99 6.36 28.97
C SER B 47 1.64 7.80 28.55
N TYR B 48 2.29 8.31 27.49
CA TYR B 48 1.95 9.63 26.96
C TYR B 48 0.46 9.76 26.66
N VAL B 49 -0.15 8.68 26.16
CA VAL B 49 -1.58 8.68 25.83
C VAL B 49 -2.48 8.93 27.04
N TRP B 50 -1.95 8.83 28.26
CA TRP B 50 -2.71 9.09 29.49
C TRP B 50 -2.36 10.42 30.14
N ARG B 51 -1.47 11.22 29.54
CA ARG B 51 -0.97 12.45 30.16
C ARG B 51 -2.08 13.40 30.60
N ASN B 52 -3.20 13.44 29.88
CA ASN B 52 -4.28 14.36 30.23
C ASN B 52 -5.45 13.64 30.88
N ILE B 53 -5.33 12.33 31.10
CA ILE B 53 -6.32 11.57 31.88
C ILE B 53 -5.92 11.50 33.36
N ILE B 54 -4.69 11.08 33.65
CA ILE B 54 -4.15 10.96 35.00
C ILE B 54 -4.39 12.19 35.88
N PRO B 55 -4.20 13.43 35.41
CA PRO B 55 -4.39 14.59 36.30
C PRO B 55 -5.77 14.70 36.92
N HIS B 56 -6.80 14.09 36.31
CA HIS B 56 -8.13 14.06 36.91
C HIS B 56 -8.19 13.05 38.05
N VAL B 57 -7.38 12.00 38.00
CA VAL B 57 -7.52 10.91 38.96
C VAL B 57 -6.59 11.09 40.15
N ALA B 58 -5.40 11.64 39.90
CA ALA B 58 -4.37 11.68 40.92
C ALA B 58 -4.81 12.34 42.23
N PRO B 59 -5.69 13.35 42.25
CA PRO B 59 -6.05 13.93 43.57
C PRO B 59 -6.57 12.92 44.56
N THR B 60 -7.30 11.89 44.12
CA THR B 60 -7.90 10.94 45.04
C THR B 60 -7.26 9.56 45.04
N HIS B 61 -6.50 9.20 44.00
CA HIS B 61 -6.06 7.83 43.82
C HIS B 61 -4.63 7.78 43.27
N ARG B 62 -3.86 6.81 43.76
CA ARG B 62 -2.56 6.53 43.15
C ARG B 62 -2.74 6.13 41.70
N CYS B 63 -1.98 6.75 40.80
CA CYS B 63 -2.00 6.46 39.37
C CYS B 63 -0.69 5.77 38.96
N ILE B 64 -0.79 4.60 38.31
CA ILE B 64 0.37 3.86 37.78
C ILE B 64 0.18 3.62 36.29
N ALA B 65 1.10 4.13 35.47
CA ALA B 65 1.04 3.94 34.01
C ALA B 65 2.37 3.47 33.45
N PRO B 66 2.57 2.16 33.31
CA PRO B 66 3.82 1.66 32.75
C PRO B 66 3.88 1.81 31.23
N ASP B 67 5.10 1.80 30.71
CA ASP B 67 5.32 1.59 29.27
C ASP B 67 5.56 0.10 29.06
N LEU B 68 4.78 -0.51 28.16
CA LEU B 68 4.98 -1.93 27.83
C LEU B 68 6.43 -2.19 27.41
N ILE B 69 6.88 -3.45 27.53
CA ILE B 69 8.23 -3.79 27.09
C ILE B 69 8.39 -3.48 25.59
N GLY B 70 9.55 -2.95 25.21
CA GLY B 70 9.81 -2.52 23.85
C GLY B 70 9.22 -1.18 23.42
N MET B 71 8.58 -0.42 24.32
CA MET B 71 7.85 0.78 23.97
C MET B 71 8.16 1.90 24.96
N GLY B 72 7.80 3.12 24.58
CA GLY B 72 8.00 4.26 25.45
C GLY B 72 9.45 4.34 25.93
N LYS B 73 9.62 4.46 27.26
CA LYS B 73 10.94 4.52 27.87
C LYS B 73 11.42 3.19 28.43
N SER B 74 10.66 2.11 28.24
CA SER B 74 11.09 0.81 28.74
C SER B 74 12.16 0.18 27.83
N ASP B 75 12.92 -0.76 28.39
CA ASP B 75 13.97 -1.44 27.64
C ASP B 75 13.39 -2.18 26.42
N LYS B 76 14.27 -2.51 25.47
CA LYS B 76 13.88 -3.13 24.20
C LYS B 76 14.68 -4.41 23.93
N PRO B 77 14.41 -5.49 24.65
CA PRO B 77 15.13 -6.74 24.39
C PRO B 77 14.83 -7.27 22.99
N ASP B 78 15.58 -8.30 22.60
CA ASP B 78 15.42 -8.92 21.28
C ASP B 78 14.39 -10.04 21.43
N LEU B 79 13.12 -9.68 21.22
CA LEU B 79 11.98 -10.57 21.38
C LEU B 79 11.10 -10.51 20.14
N GLY B 80 10.25 -11.52 19.98
CA GLY B 80 9.22 -11.42 18.97
C GLY B 80 8.11 -10.44 19.32
N TYR B 81 8.04 -10.00 20.57
CA TYR B 81 6.99 -9.09 21.03
C TYR B 81 5.60 -9.62 20.70
N PHE B 82 5.43 -10.92 20.83
CA PHE B 82 4.12 -11.52 20.72
C PHE B 82 3.23 -11.05 21.88
N PHE B 83 1.93 -11.28 21.75
CA PHE B 83 1.06 -10.95 22.87
C PHE B 83 1.47 -11.72 24.13
N ASP B 84 1.98 -12.95 23.96
CA ASP B 84 2.39 -13.74 25.11
C ASP B 84 3.61 -13.13 25.82
N ASP B 85 4.49 -12.43 25.09
CA ASP B 85 5.61 -11.75 25.76
C ASP B 85 5.09 -10.63 26.66
N HIS B 86 4.18 -9.82 26.13
CA HIS B 86 3.62 -8.71 26.88
C HIS B 86 2.85 -9.22 28.10
N VAL B 87 2.18 -10.37 27.96
CA VAL B 87 1.53 -11.02 29.09
C VAL B 87 2.54 -11.29 30.20
N ARG B 88 3.64 -11.97 29.85
CA ARG B 88 4.65 -12.32 30.85
C ARG B 88 5.23 -11.07 31.49
N PHE B 89 5.61 -10.07 30.68
CA PHE B 89 6.26 -8.91 31.26
C PHE B 89 5.29 -8.12 32.14
N MET B 90 4.01 -8.08 31.78
CA MET B 90 3.09 -7.30 32.59
C MET B 90 2.68 -8.05 33.85
N ASP B 91 2.60 -9.39 33.79
CA ASP B 91 2.47 -10.16 35.02
C ASP B 91 3.58 -9.82 36.00
N ALA B 92 4.82 -9.74 35.51
CA ALA B 92 5.93 -9.53 36.42
C ALA B 92 5.93 -8.10 36.95
N PHE B 93 5.59 -7.13 36.10
CA PHE B 93 5.52 -5.73 36.54
C PHE B 93 4.59 -5.57 37.74
N ILE B 94 3.37 -6.11 37.62
CA ILE B 94 2.37 -5.95 38.68
C ILE B 94 2.87 -6.52 40.00
N GLU B 95 3.54 -7.68 39.95
CA GLU B 95 4.08 -8.28 41.17
C GLU B 95 5.26 -7.48 41.70
N ALA B 96 6.10 -6.94 40.80
CA ALA B 96 7.26 -6.17 41.23
C ALA B 96 6.85 -4.94 42.04
N LEU B 97 5.76 -4.28 41.65
CA LEU B 97 5.27 -3.12 42.38
C LEU B 97 4.46 -3.49 43.61
N GLY B 98 4.23 -4.79 43.84
CA GLY B 98 3.55 -5.23 45.04
C GLY B 98 2.06 -4.98 45.09
N LEU B 99 1.43 -4.83 43.94
CA LEU B 99 0.04 -4.43 43.88
C LEU B 99 -0.85 -5.59 44.33
N GLU B 100 -1.87 -5.28 45.12
CA GLU B 100 -2.83 -6.32 45.54
C GLU B 100 -4.16 -6.15 44.80
N GLU B 101 -5.02 -5.27 45.27
CA GLU B 101 -6.24 -5.00 44.53
C GLU B 101 -5.96 -3.77 43.66
N VAL B 102 -6.55 -3.75 42.46
CA VAL B 102 -6.35 -2.66 41.51
C VAL B 102 -7.65 -2.35 40.77
N VAL B 103 -7.73 -1.12 40.27
CA VAL B 103 -8.71 -0.69 39.26
C VAL B 103 -7.97 -0.56 37.94
N LEU B 104 -8.56 -1.11 36.88
CA LEU B 104 -7.93 -1.12 35.56
C LEU B 104 -8.53 -0.02 34.69
N VAL B 105 -7.67 0.76 34.03
CA VAL B 105 -8.04 1.71 32.98
C VAL B 105 -7.21 1.32 31.76
N ILE B 106 -7.86 0.74 30.73
CA ILE B 106 -7.19 0.00 29.67
C ILE B 106 -7.66 0.42 28.27
N HIS B 107 -6.75 0.30 27.29
CA HIS B 107 -6.99 0.78 25.93
C HIS B 107 -6.18 -0.05 24.94
N ASP B 108 -6.85 -0.53 23.90
CA ASP B 108 -6.16 -1.18 22.77
C ASP B 108 -5.46 -2.43 23.30
N TRP B 109 -4.18 -2.65 22.99
CA TRP B 109 -3.56 -3.90 23.42
C TRP B 109 -3.39 -3.95 24.93
N GLY B 110 -3.31 -2.79 25.59
CA GLY B 110 -3.37 -2.76 27.05
C GLY B 110 -4.70 -3.24 27.62
N SER B 111 -5.74 -3.35 26.81
CA SER B 111 -7.00 -3.90 27.29
C SER B 111 -7.03 -5.40 27.18
N ALA B 112 -6.38 -5.96 26.15
CA ALA B 112 -6.15 -7.40 26.13
C ALA B 112 -5.36 -7.84 27.36
N LEU B 113 -4.35 -7.05 27.76
CA LEU B 113 -3.60 -7.36 28.97
C LEU B 113 -4.50 -7.26 30.21
N GLY B 114 -5.19 -6.12 30.37
CA GLY B 114 -6.00 -5.92 31.56
C GLY B 114 -7.11 -6.96 31.71
N PHE B 115 -7.78 -7.30 30.60
CA PHE B 115 -8.87 -8.28 30.68
C PHE B 115 -8.33 -9.69 30.86
N HIS B 116 -7.17 -9.99 30.27
CA HIS B 116 -6.63 -11.32 30.44
C HIS B 116 -6.08 -11.50 31.87
N TRP B 117 -5.55 -10.41 32.45
CA TRP B 117 -5.09 -10.48 33.83
C TRP B 117 -6.27 -10.52 34.80
N ALA B 118 -7.36 -9.82 34.43
CA ALA B 118 -8.57 -9.78 35.24
C ALA B 118 -9.23 -11.15 35.30
N LYS B 119 -9.20 -11.88 34.19
CA LYS B 119 -9.83 -13.20 34.18
C LYS B 119 -9.04 -14.19 35.02
N ARG B 120 -7.71 -14.05 35.06
CA ARG B 120 -6.91 -14.96 35.88
C ARG B 120 -6.82 -14.52 37.34
N ASN B 121 -7.13 -13.26 37.64
CA ASN B 121 -7.03 -12.73 39.01
C ASN B 121 -8.29 -11.99 39.42
N PRO B 122 -9.47 -12.63 39.35
CA PRO B 122 -10.73 -11.89 39.53
C PRO B 122 -10.88 -11.19 40.87
N GLU B 123 -10.45 -11.81 41.98
CA GLU B 123 -10.67 -11.19 43.28
C GLU B 123 -9.91 -9.87 43.45
N ARG B 124 -8.89 -9.62 42.63
CA ARG B 124 -7.99 -8.48 42.78
C ARG B 124 -8.38 -7.26 41.95
N VAL B 125 -9.49 -7.32 41.23
CA VAL B 125 -9.87 -6.27 40.28
C VAL B 125 -11.19 -5.68 40.76
N LYS B 126 -11.17 -4.41 41.16
CA LYS B 126 -12.35 -3.74 41.68
C LYS B 126 -13.11 -2.92 40.64
N GLY B 127 -12.56 -2.73 39.45
CA GLY B 127 -13.17 -1.88 38.45
C GLY B 127 -12.39 -1.90 37.14
N ILE B 128 -13.09 -1.69 36.02
CA ILE B 128 -12.50 -1.69 34.70
C ILE B 128 -13.13 -0.57 33.88
N ALA B 129 -12.34 0.45 33.56
CA ALA B 129 -12.69 1.41 32.53
C ALA B 129 -11.95 1.02 31.25
N PHE B 130 -12.67 0.89 30.14
CA PHE B 130 -12.04 0.45 28.91
C PHE B 130 -12.57 1.25 27.72
N MET B 131 -11.76 1.30 26.67
CA MET B 131 -12.10 2.07 25.48
C MET B 131 -11.30 1.49 24.33
N GLU B 132 -11.95 1.35 23.18
CA GLU B 132 -11.29 0.95 21.92
C GLU B 132 -10.40 -0.29 22.12
N PHE B 133 -11.04 -1.37 22.53
CA PHE B 133 -10.37 -2.54 23.09
C PHE B 133 -10.40 -3.69 22.10
N ILE B 134 -9.52 -4.65 22.35
CA ILE B 134 -9.39 -5.85 21.54
C ILE B 134 -10.61 -6.73 21.83
N ARG B 135 -11.45 -6.93 20.81
CA ARG B 135 -12.55 -7.88 20.80
C ARG B 135 -12.31 -8.76 19.58
N PRO B 136 -13.00 -9.90 19.44
CA PRO B 136 -12.89 -10.65 18.18
C PRO B 136 -13.72 -9.95 17.13
N ILE B 137 -13.09 -9.61 16.01
CA ILE B 137 -13.74 -8.94 14.90
C ILE B 137 -14.02 -9.97 13.80
N PRO B 138 -15.29 -10.32 13.55
CA PRO B 138 -15.60 -11.49 12.70
C PRO B 138 -15.16 -11.37 11.25
N THR B 139 -15.28 -10.19 10.64
CA THR B 139 -14.98 -10.00 9.23
C THR B 139 -14.41 -8.61 9.03
N TRP B 140 -13.61 -8.47 7.95
CA TRP B 140 -13.02 -7.17 7.61
C TRP B 140 -14.04 -6.12 7.17
N ASP B 141 -15.27 -6.52 6.82
CA ASP B 141 -16.33 -5.55 6.57
C ASP B 141 -16.55 -4.64 7.77
N GLU B 142 -16.28 -5.13 8.98
CA GLU B 142 -16.40 -4.31 10.18
C GLU B 142 -15.22 -3.36 10.38
N TRP B 143 -14.17 -3.49 9.58
CA TRP B 143 -13.08 -2.53 9.73
C TRP B 143 -13.44 -1.25 8.98
N PRO B 144 -13.34 -0.07 9.60
CA PRO B 144 -13.85 1.16 8.97
C PRO B 144 -12.87 1.71 7.95
N TRP B 145 -13.23 1.60 6.66
CA TRP B 145 -12.31 2.04 5.62
C TRP B 145 -12.07 3.53 5.66
N PHE B 146 -12.98 4.31 6.24
CA PHE B 146 -12.91 5.76 6.23
C PHE B 146 -12.22 6.33 7.45
N ALA B 147 -11.57 5.50 8.25
CA ALA B 147 -10.91 6.00 9.45
C ALA B 147 -9.81 7.01 9.10
N GLY B 148 -9.96 8.23 9.61
CA GLY B 148 -8.90 9.22 9.51
C GLY B 148 -8.89 9.98 8.21
N LEU B 149 -9.99 9.97 7.46
CA LEU B 149 -10.08 10.70 6.20
C LEU B 149 -10.77 12.06 6.36
N GLU B 150 -10.83 12.59 7.60
CA GLU B 150 -11.52 13.86 7.86
C GLU B 150 -10.90 15.01 7.06
N ARG B 151 -9.58 15.01 6.88
CA ARG B 151 -8.91 16.12 6.20
C ARG B 151 -8.86 15.96 4.68
N ILE B 152 -9.40 14.85 4.14
CA ILE B 152 -9.48 14.71 2.69
C ILE B 152 -10.18 15.92 2.11
N GLU B 153 -9.61 16.49 1.06
CA GLU B 153 -10.11 17.76 0.50
C GLU B 153 -11.34 17.52 -0.40
N LYS B 154 -12.36 16.95 0.22
CA LYS B 154 -13.61 16.65 -0.45
C LYS B 154 -14.73 16.84 0.56
N ASN B 155 -15.90 17.22 0.06
CA ASN B 155 -17.06 17.52 0.86
C ASN B 155 -17.98 16.30 0.77
N PHE B 156 -17.84 15.37 1.72
CA PHE B 156 -18.66 14.17 1.72
C PHE B 156 -18.91 13.66 3.14
N ILE B 157 -19.95 12.81 3.25
CA ILE B 157 -20.36 12.17 4.50
C ILE B 157 -20.70 10.70 4.24
N ILE B 158 -20.63 9.90 5.30
CA ILE B 158 -21.01 8.49 5.31
C ILE B 158 -22.14 8.31 6.32
N THR B 159 -23.23 7.69 5.89
CA THR B 159 -24.29 7.31 6.81
C THR B 159 -24.37 5.79 6.95
N ASP B 160 -24.87 5.35 8.11
CA ASP B 160 -24.96 3.92 8.41
C ASP B 160 -26.42 3.48 8.41
N PRO B 161 -26.93 2.95 7.29
CA PRO B 161 -28.34 2.52 7.26
C PRO B 161 -28.65 1.32 8.15
N ARG B 162 -27.66 0.72 8.82
CA ARG B 162 -27.90 -0.38 9.76
C ARG B 162 -28.08 0.09 11.21
N LEU B 163 -27.76 1.29 11.52
CA LEU B 163 -28.10 1.90 12.79
C LEU B 163 -29.47 2.59 12.70
N PRO B 164 -30.25 2.63 13.78
CA PRO B 164 -31.58 3.26 13.71
C PRO B 164 -31.57 4.64 13.03
N ASP B 165 -32.46 4.79 12.05
CA ASP B 165 -32.69 6.07 11.34
C ASP B 165 -31.48 6.57 10.56
N ASN B 166 -30.59 5.66 10.15
CA ASN B 166 -29.54 5.95 9.18
C ASN B 166 -28.74 7.21 9.51
N PRO B 167 -28.02 7.23 10.64
CA PRO B 167 -27.26 8.42 11.04
C PRO B 167 -25.93 8.62 10.31
N ILE B 168 -25.46 9.87 10.34
CA ILE B 168 -24.12 10.22 9.89
C ILE B 168 -23.08 9.70 10.88
N ILE B 169 -22.14 8.88 10.39
CA ILE B 169 -21.01 8.40 11.20
C ILE B 169 -19.66 8.93 10.74
N PHE B 170 -19.64 9.70 9.65
CA PHE B 170 -18.43 10.37 9.20
C PHE B 170 -18.82 11.65 8.46
N ALA B 171 -18.06 12.72 8.72
CA ALA B 171 -18.23 13.99 8.03
C ALA B 171 -16.87 14.63 7.85
N SER B 172 -16.57 15.06 6.62
CA SER B 172 -15.29 15.68 6.32
C SER B 172 -15.28 17.16 6.71
N ASP B 173 -14.06 17.70 6.83
CA ASP B 173 -13.89 19.08 7.28
C ASP B 173 -14.71 20.06 6.45
N SER B 174 -14.72 19.85 5.13
CA SER B 174 -15.46 20.70 4.20
C SER B 174 -16.95 20.69 4.49
N PHE B 175 -17.49 19.53 4.89
CA PHE B 175 -18.88 19.46 5.29
C PHE B 175 -19.13 20.33 6.50
N LEU B 176 -18.18 20.37 7.42
CA LEU B 176 -18.34 21.21 8.61
C LEU B 176 -18.38 22.68 8.23
N GLN B 177 -17.53 23.11 7.30
CA GLN B 177 -17.52 24.54 6.98
C GLN B 177 -18.70 24.92 6.11
N LEU B 178 -19.18 24.01 5.25
CA LEU B 178 -20.37 24.30 4.46
C LEU B 178 -21.57 24.60 5.37
N THR B 179 -21.87 23.70 6.30
CA THR B 179 -23.05 23.78 7.15
C THR B 179 -22.87 24.64 8.40
N GLU B 180 -21.62 24.93 8.78
CA GLU B 180 -21.22 25.68 9.98
C GLU B 180 -21.40 24.91 11.28
N TYR B 181 -21.77 23.63 11.23
CA TYR B 181 -21.81 22.81 12.45
C TYR B 181 -20.45 22.19 12.72
N SER B 182 -20.20 21.94 13.99
CA SER B 182 -19.05 21.16 14.41
C SER B 182 -19.38 19.67 14.30
N ARG B 183 -18.33 18.85 14.29
CA ARG B 183 -18.55 17.43 14.06
C ARG B 183 -19.34 16.80 15.21
N GLU B 184 -19.16 17.29 16.44
CA GLU B 184 -19.98 16.82 17.55
C GLU B 184 -21.46 17.04 17.30
N GLU B 185 -21.82 18.06 16.53
CA GLU B 185 -23.23 18.38 16.29
C GLU B 185 -23.81 17.64 15.09
N ILE B 186 -23.01 16.82 14.41
CA ILE B 186 -23.41 16.16 13.17
C ILE B 186 -23.47 14.64 13.33
N LEU B 187 -22.43 14.04 13.94
CA LEU B 187 -22.36 12.59 13.97
C LEU B 187 -23.47 12.03 14.83
N GLY B 188 -24.10 10.96 14.36
CA GLY B 188 -25.16 10.32 15.11
C GLY B 188 -26.57 10.84 14.84
N ARG B 189 -26.70 11.92 14.07
CA ARG B 189 -27.98 12.47 13.63
C ARG B 189 -28.22 12.23 12.15
N ASN B 190 -29.48 12.03 11.81
CA ASN B 190 -29.88 11.91 10.41
C ASN B 190 -29.74 13.25 9.73
N CYS B 191 -29.33 13.24 8.45
CA CYS B 191 -29.03 14.47 7.73
C CYS B 191 -30.21 15.41 7.53
N ARG B 192 -31.44 14.95 7.77
CA ARG B 192 -32.57 15.84 7.56
C ARG B 192 -32.56 17.04 8.51
N PHE B 193 -31.65 17.13 9.48
CA PHE B 193 -31.66 18.30 10.36
C PHE B 193 -31.22 19.57 9.63
N LEU B 194 -30.53 19.44 8.50
CA LEU B 194 -30.16 20.61 7.71
C LEU B 194 -31.35 21.31 7.08
N GLN B 195 -32.55 20.71 7.12
CA GLN B 195 -33.71 21.25 6.44
C GLN B 195 -34.52 22.17 7.35
N GLY B 196 -35.30 23.03 6.72
CA GLY B 196 -36.09 24.02 7.41
C GLY B 196 -37.34 24.35 6.62
N PRO B 197 -38.02 25.46 7.00
CA PRO B 197 -39.31 25.80 6.38
C PRO B 197 -39.35 25.88 4.86
N GLU B 198 -38.32 26.43 4.21
CA GLU B 198 -38.36 26.59 2.76
C GLU B 198 -37.79 25.40 1.99
N THR B 199 -37.54 24.29 2.66
CA THR B 199 -37.11 23.08 1.98
C THR B 199 -38.26 22.47 1.20
N ASP B 200 -38.00 22.12 -0.06
CA ASP B 200 -39.02 21.60 -0.97
C ASP B 200 -39.37 20.17 -0.58
N ARG B 201 -40.60 19.95 -0.09
CA ARG B 201 -40.97 18.62 0.42
C ARG B 201 -41.02 17.57 -0.69
N ALA B 202 -41.32 17.99 -1.93
CA ALA B 202 -41.28 17.04 -3.05
C ALA B 202 -39.86 16.53 -3.28
N THR B 203 -38.87 17.43 -3.29
CA THR B 203 -37.48 17.02 -3.39
C THR B 203 -37.08 16.06 -2.27
N VAL B 204 -37.47 16.39 -1.03
CA VAL B 204 -37.15 15.50 0.10
C VAL B 204 -37.74 14.13 -0.15
N ARG B 205 -38.94 14.10 -0.74
CA ARG B 205 -39.60 12.83 -1.05
C ARG B 205 -38.81 12.03 -2.08
N LYS B 206 -38.20 12.72 -3.04
CA LYS B 206 -37.37 12.05 -4.04
C LYS B 206 -36.17 11.37 -3.39
N ILE B 207 -35.61 12.00 -2.34
CA ILE B 207 -34.53 11.40 -1.58
C ILE B 207 -35.02 10.17 -0.83
N ARG B 208 -36.16 10.32 -0.16
CA ARG B 208 -36.73 9.23 0.63
C ARG B 208 -36.91 7.97 -0.23
N ASP B 209 -37.53 8.13 -1.40
CA ASP B 209 -37.75 6.97 -2.28
C ASP B 209 -36.42 6.37 -2.75
N ALA B 210 -35.44 7.23 -3.08
CA ALA B 210 -34.16 6.72 -3.53
C ALA B 210 -33.50 5.85 -2.45
N ILE B 211 -33.41 6.35 -1.22
CA ILE B 211 -32.82 5.55 -0.14
C ILE B 211 -33.59 4.26 0.05
N ASP B 212 -34.92 4.34 0.12
CA ASP B 212 -35.74 3.16 0.31
C ASP B 212 -35.45 2.08 -0.74
N ASN B 213 -35.20 2.50 -1.97
CA ASN B 213 -34.90 1.61 -3.07
C ASN B 213 -33.41 1.27 -3.19
N GLN B 214 -32.59 1.73 -2.25
CA GLN B 214 -31.16 1.47 -2.29
C GLN B 214 -30.58 1.83 -3.65
N THR B 215 -30.88 3.04 -4.10
CA THR B 215 -30.40 3.56 -5.37
C THR B 215 -29.89 4.99 -5.19
N GLU B 216 -29.15 5.46 -6.18
CA GLU B 216 -28.56 6.79 -6.10
C GLU B 216 -29.59 7.87 -6.45
N VAL B 217 -29.28 9.11 -6.09
CA VAL B 217 -30.09 10.24 -6.50
C VAL B 217 -29.26 11.51 -6.36
N THR B 218 -29.52 12.47 -7.22
CA THR B 218 -28.92 13.79 -7.20
C THR B 218 -30.05 14.80 -7.13
N VAL B 219 -29.97 15.76 -6.21
CA VAL B 219 -31.02 16.73 -5.95
C VAL B 219 -30.36 18.06 -5.59
N GLN B 220 -31.12 19.13 -5.75
CA GLN B 220 -30.71 20.42 -5.23
C GLN B 220 -31.79 20.91 -4.28
N LEU B 221 -31.37 21.40 -3.12
CA LEU B 221 -32.18 21.47 -1.92
C LEU B 221 -31.84 22.74 -1.16
N ILE B 222 -32.84 23.34 -0.53
CA ILE B 222 -32.61 24.40 0.45
C ILE B 222 -32.27 23.76 1.80
N ASN B 223 -31.13 24.15 2.37
CA ASN B 223 -30.65 23.69 3.66
C ASN B 223 -30.30 24.92 4.50
N TYR B 224 -30.08 24.73 5.79
CA TYR B 224 -29.82 25.84 6.69
C TYR B 224 -28.52 25.62 7.45
N THR B 225 -27.77 26.72 7.70
CA THR B 225 -26.56 26.59 8.50
C THR B 225 -26.89 26.62 9.99
N LYS B 226 -25.87 26.39 10.81
CA LYS B 226 -26.02 26.47 12.26
C LYS B 226 -26.62 27.80 12.70
N SER B 227 -26.17 28.90 12.09
CA SER B 227 -26.65 30.23 12.41
C SER B 227 -28.00 30.55 11.77
N GLY B 228 -28.51 29.69 10.89
CA GLY B 228 -29.85 29.85 10.35
C GLY B 228 -29.97 30.42 8.96
N LYS B 229 -28.86 30.55 8.21
CA LYS B 229 -28.88 31.17 6.89
C LYS B 229 -29.10 30.13 5.80
N LYS B 230 -30.07 30.39 4.92
CA LYS B 230 -30.43 29.46 3.86
C LYS B 230 -29.32 29.34 2.82
N PHE B 231 -29.17 28.15 2.29
CA PHE B 231 -28.25 27.91 1.21
C PHE B 231 -28.76 26.75 0.37
N TRP B 232 -28.32 26.72 -0.88
CA TRP B 232 -28.70 25.67 -1.80
C TRP B 232 -27.64 24.58 -1.74
N ASN B 233 -28.11 23.35 -1.61
CA ASN B 233 -27.22 22.20 -1.44
C ASN B 233 -27.42 21.28 -2.64
N LEU B 234 -26.48 21.32 -3.56
CA LEU B 234 -26.43 20.33 -4.64
C LEU B 234 -25.68 19.12 -4.10
N PHE B 235 -26.40 18.05 -3.79
CA PHE B 235 -25.72 16.89 -3.23
C PHE B 235 -26.19 15.61 -3.91
N HIS B 236 -25.28 14.63 -3.91
CA HIS B 236 -25.48 13.33 -4.54
C HIS B 236 -25.31 12.22 -3.51
N LEU B 237 -26.10 11.17 -3.64
CA LEU B 237 -26.27 10.14 -2.64
C LEU B 237 -26.14 8.80 -3.33
N GLN B 238 -25.66 7.79 -2.60
CA GLN B 238 -25.28 6.58 -3.30
C GLN B 238 -25.00 5.41 -2.35
N PRO B 239 -25.52 4.23 -2.64
CA PRO B 239 -25.27 3.07 -1.75
C PRO B 239 -23.84 2.55 -1.86
N MET B 240 -23.35 1.99 -0.77
CA MET B 240 -22.10 1.21 -0.75
C MET B 240 -22.41 -0.22 -0.36
N ARG B 241 -21.86 -1.15 -1.13
CA ARG B 241 -22.10 -2.56 -0.88
C ARG B 241 -20.91 -3.21 -0.19
N ASP B 242 -21.16 -4.34 0.44
CA ASP B 242 -20.10 -5.10 1.09
C ASP B 242 -19.70 -6.27 0.17
N GLN B 243 -19.09 -7.32 0.75
CA GLN B 243 -18.62 -8.48 -0.02
C GLN B 243 -19.77 -9.29 -0.62
N LYS B 244 -20.93 -9.33 0.06
CA LYS B 244 -22.12 -10.03 -0.41
C LYS B 244 -22.95 -9.23 -1.42
N GLY B 245 -22.65 -7.94 -1.61
CA GLY B 245 -23.48 -7.07 -2.41
C GLY B 245 -24.62 -6.41 -1.66
N ASP B 246 -24.61 -6.45 -0.32
CA ASP B 246 -25.59 -5.75 0.50
C ASP B 246 -25.13 -4.33 0.79
N VAL B 247 -26.10 -3.42 0.94
CA VAL B 247 -25.77 -2.04 1.28
C VAL B 247 -25.32 -1.99 2.74
N GLN B 248 -24.18 -1.35 2.99
CA GLN B 248 -23.75 -1.17 4.37
C GLN B 248 -23.50 0.28 4.73
N TYR B 249 -23.25 1.16 3.76
CA TYR B 249 -23.26 2.61 3.97
C TYR B 249 -23.96 3.30 2.80
N PHE B 250 -24.25 4.60 3.00
CA PHE B 250 -24.49 5.55 1.91
C PHE B 250 -23.37 6.58 1.97
N ILE B 251 -23.05 7.17 0.82
CA ILE B 251 -22.19 8.35 0.74
C ILE B 251 -23.01 9.48 0.17
N GLY B 252 -22.83 10.67 0.75
CA GLY B 252 -23.30 11.92 0.16
C GLY B 252 -22.11 12.79 -0.19
N VAL B 253 -22.14 13.34 -1.39
CA VAL B 253 -21.17 14.34 -1.81
C VAL B 253 -21.93 15.64 -2.00
N GLN B 254 -21.59 16.64 -1.20
CA GLN B 254 -22.21 17.95 -1.32
C GLN B 254 -21.26 18.84 -2.12
N LEU B 255 -21.83 19.79 -2.88
CA LEU B 255 -21.02 20.73 -3.69
C LEU B 255 -20.60 21.92 -2.83
N ASP B 256 -19.35 22.36 -2.94
CA ASP B 256 -18.82 23.42 -2.05
C ASP B 256 -19.40 24.78 -2.48
N GLY B 257 -20.72 24.92 -2.42
CA GLY B 257 -21.38 26.15 -2.85
C GLY B 257 -22.70 26.36 -2.12
N THR B 258 -22.98 27.59 -1.71
CA THR B 258 -24.24 27.94 -1.06
C THR B 258 -25.21 28.65 -2.01
N GLU B 259 -24.73 29.11 -3.16
CA GLU B 259 -25.60 29.77 -4.13
C GLU B 259 -26.11 28.77 -5.14
N HIS B 260 -27.24 29.14 -5.74
CA HIS B 260 -27.97 28.27 -6.66
C HIS B 260 -27.18 28.11 -7.96
N VAL B 261 -27.24 26.91 -8.52
CA VAL B 261 -26.60 26.59 -9.79
C VAL B 261 -27.68 26.06 -10.73
N ARG B 262 -27.60 26.45 -12.01
CA ARG B 262 -28.65 26.13 -12.96
C ARG B 262 -28.05 25.97 -14.34
N ASP B 263 -28.85 25.34 -15.21
CA ASP B 263 -28.45 25.04 -16.61
C ASP B 263 -27.03 24.48 -16.66
N ALA B 264 -26.16 25.16 -17.38
CA ALA B 264 -24.80 24.68 -17.59
C ALA B 264 -24.05 24.53 -16.26
N ALA B 265 -24.21 25.48 -15.34
CA ALA B 265 -23.49 25.41 -14.07
C ALA B 265 -23.95 24.23 -13.22
N GLU B 266 -25.23 23.87 -13.30
CA GLU B 266 -25.68 22.68 -12.61
C GLU B 266 -25.06 21.42 -13.22
N ARG B 267 -25.06 21.34 -14.56
CA ARG B 267 -24.42 20.22 -15.24
C ARG B 267 -23.01 19.97 -14.72
N GLU B 268 -22.17 21.01 -14.75
CA GLU B 268 -20.80 20.86 -14.28
C GLU B 268 -20.77 20.44 -12.82
N GLY B 269 -21.68 20.96 -12.00
CA GLY B 269 -21.72 20.56 -10.61
C GLY B 269 -22.12 19.12 -10.42
N VAL B 270 -23.11 18.67 -11.21
CA VAL B 270 -23.59 17.28 -11.08
C VAL B 270 -22.48 16.30 -11.46
N MET B 271 -21.80 16.57 -12.57
CA MET B 271 -20.69 15.70 -12.96
C MET B 271 -19.66 15.61 -11.86
N LEU B 272 -19.34 16.75 -11.23
CA LEU B 272 -18.25 16.80 -10.27
C LEU B 272 -18.57 15.97 -9.03
N ILE B 273 -19.76 16.14 -8.47
CA ILE B 273 -20.10 15.40 -7.26
C ILE B 273 -20.27 13.92 -7.58
N LYS B 274 -20.89 13.60 -8.73
CA LYS B 274 -20.99 12.20 -9.13
C LYS B 274 -19.61 11.58 -9.26
N LYS B 275 -18.70 12.27 -9.95
CA LYS B 275 -17.36 11.73 -10.15
C LYS B 275 -16.63 11.60 -8.81
N THR B 276 -16.82 12.58 -7.92
CA THR B 276 -16.19 12.49 -6.62
C THR B 276 -16.72 11.30 -5.84
N ALA B 277 -18.02 11.05 -5.94
CA ALA B 277 -18.58 9.86 -5.31
C ALA B 277 -17.95 8.60 -5.89
N GLU B 278 -17.80 8.55 -7.22
CA GLU B 278 -17.23 7.36 -7.82
C GLU B 278 -15.80 7.12 -7.35
N ASN B 279 -15.00 8.18 -7.23
CA ASN B 279 -13.60 8.03 -6.84
C ASN B 279 -13.47 7.59 -5.40
N ILE B 280 -14.37 8.08 -4.55
CA ILE B 280 -14.35 7.67 -3.17
C ILE B 280 -14.69 6.17 -3.06
N ASP B 281 -15.71 5.74 -3.79
CA ASP B 281 -16.16 4.36 -3.74
C ASP B 281 -15.11 3.42 -4.29
N GLU B 282 -14.33 3.88 -5.26
CA GLU B 282 -13.28 3.06 -5.86
C GLU B 282 -12.11 2.85 -4.90
N ALA B 283 -11.79 3.86 -4.09
CA ALA B 283 -10.60 3.79 -3.26
C ALA B 283 -10.89 3.15 -1.92
N ALA B 284 -12.15 3.16 -1.52
CA ALA B 284 -12.54 2.62 -0.22
C ALA B 284 -11.96 1.24 0.08
N PRO B 285 -11.96 0.26 -0.83
CA PRO B 285 -11.33 -1.03 -0.48
C PRO B 285 -9.82 -0.95 -0.31
N PHE B 286 -9.16 0.01 -0.96
CA PHE B 286 -7.73 0.16 -0.81
C PHE B 286 -7.37 0.86 0.50
N TRP B 287 -8.21 1.79 0.98
CA TRP B 287 -8.02 2.29 2.34
C TRP B 287 -8.08 1.15 3.34
N ARG B 288 -9.04 0.24 3.16
CA ARG B 288 -9.25 -0.86 4.09
C ARG B 288 -8.17 -1.91 3.94
N GLU B 289 -7.62 -2.06 2.74
CA GLU B 289 -6.61 -3.08 2.47
C GLU B 289 -5.34 -2.89 3.30
N THR B 290 -5.13 -1.71 3.89
CA THR B 290 -3.82 -1.38 4.46
C THR B 290 -3.51 -2.23 5.70
N PHE B 291 -4.49 -2.44 6.58
CA PHE B 291 -4.23 -3.30 7.72
C PHE B 291 -4.01 -4.75 7.29
N GLN B 292 -4.64 -5.17 6.20
CA GLN B 292 -4.38 -6.52 5.74
C GLN B 292 -2.98 -6.65 5.18
N ALA B 293 -2.37 -5.54 4.76
CA ALA B 293 -1.01 -5.60 4.25
C ALA B 293 -0.01 -5.53 5.39
N PHE B 294 -0.33 -4.74 6.42
CA PHE B 294 0.42 -4.81 7.69
C PHE B 294 0.55 -6.26 8.16
N ARG B 295 -0.50 -7.04 7.99
CA ARG B 295 -0.55 -8.42 8.44
C ARG B 295 0.10 -9.39 7.46
N THR B 296 1.24 -9.01 6.91
CA THR B 296 2.07 -9.87 6.07
C THR B 296 3.51 -9.71 6.53
N THR B 297 4.36 -10.64 6.10
CA THR B 297 5.76 -10.58 6.51
C THR B 297 6.56 -9.59 5.66
N ASP B 298 6.66 -9.85 4.35
CA ASP B 298 7.60 -9.05 3.55
C ASP B 298 7.08 -7.65 3.25
N VAL B 299 5.81 -7.53 2.87
CA VAL B 299 5.27 -6.19 2.59
C VAL B 299 5.06 -5.43 3.89
N GLY B 300 4.45 -6.11 4.89
CA GLY B 300 4.04 -5.42 6.10
C GLY B 300 5.22 -4.83 6.85
N ARG B 301 6.37 -5.52 6.79
CA ARG B 301 7.57 -5.08 7.52
C ARG B 301 8.28 -3.93 6.81
N LYS B 302 8.27 -3.91 5.47
CA LYS B 302 8.76 -2.73 4.76
C LYS B 302 7.92 -1.49 5.09
N LEU B 303 6.59 -1.64 5.15
CA LEU B 303 5.75 -0.51 5.51
C LEU B 303 6.00 -0.06 6.95
N ILE B 304 5.85 -0.99 7.92
CA ILE B 304 5.80 -0.59 9.33
C ILE B 304 7.20 -0.35 9.89
N ILE B 305 8.20 -1.11 9.47
CA ILE B 305 9.55 -1.02 10.03
C ILE B 305 10.48 -0.15 9.18
N ASP B 306 10.62 -0.45 7.89
CA ASP B 306 11.47 0.36 7.01
C ASP B 306 10.99 1.81 6.90
N GLN B 307 9.71 2.00 6.55
CA GLN B 307 9.21 3.35 6.32
C GLN B 307 8.43 3.95 7.49
N ASN B 308 8.15 3.19 8.54
CA ASN B 308 7.55 3.72 9.76
C ASN B 308 6.13 4.25 9.52
N VAL B 309 5.35 3.54 8.72
CA VAL B 309 4.01 4.02 8.36
C VAL B 309 3.06 3.97 9.57
N PHE B 310 3.27 3.05 10.51
CA PHE B 310 2.37 3.04 11.66
C PHE B 310 2.46 4.31 12.49
N ILE B 311 3.65 4.92 12.58
CA ILE B 311 3.78 6.18 13.30
C ILE B 311 3.37 7.38 12.42
N GLU B 312 3.77 7.39 11.15
CA GLU B 312 3.59 8.57 10.30
C GLU B 312 2.24 8.59 9.62
N GLY B 313 1.66 7.42 9.33
CA GLY B 313 0.35 7.34 8.71
C GLY B 313 -0.78 6.91 9.62
N THR B 314 -0.65 5.74 10.26
CA THR B 314 -1.78 5.12 10.97
C THR B 314 -2.12 5.88 12.26
N LEU B 315 -1.11 6.16 13.09
CA LEU B 315 -1.35 6.91 14.33
C LEU B 315 -2.17 8.17 14.11
N PRO B 316 -1.81 9.09 13.19
CA PRO B 316 -2.66 10.28 13.01
C PRO B 316 -4.07 9.93 12.55
N MET B 317 -4.24 8.85 11.80
CA MET B 317 -5.56 8.39 11.40
C MET B 317 -6.31 7.66 12.53
N GLY B 318 -5.72 7.56 13.73
CA GLY B 318 -6.41 7.12 14.91
C GLY B 318 -6.98 8.26 15.74
N VAL B 319 -6.80 9.48 15.28
CA VAL B 319 -7.26 10.69 15.96
C VAL B 319 -8.09 11.52 14.98
N VAL B 320 -9.28 11.93 15.40
CA VAL B 320 -10.10 12.78 14.53
C VAL B 320 -9.45 14.14 14.35
N ARG B 321 -9.17 14.84 15.45
CA ARG B 321 -8.48 16.13 15.39
C ARG B 321 -7.04 15.95 14.92
N PRO B 322 -6.36 17.04 14.53
CA PRO B 322 -4.95 16.91 14.11
C PRO B 322 -4.02 16.87 15.31
N LEU B 323 -3.10 15.92 15.32
CA LEU B 323 -2.04 15.89 16.31
C LEU B 323 -1.04 16.99 16.00
N THR B 324 -0.69 17.79 17.00
CA THR B 324 0.34 18.78 16.72
C THR B 324 1.71 18.11 16.54
N GLU B 325 2.65 18.92 16.04
CA GLU B 325 4.04 18.49 15.88
C GLU B 325 4.64 17.99 17.20
N VAL B 326 4.38 18.70 18.31
CA VAL B 326 4.98 18.31 19.59
C VAL B 326 4.48 16.94 20.03
N GLU B 327 3.16 16.72 19.90
CA GLU B 327 2.59 15.43 20.24
C GLU B 327 3.15 14.33 19.34
N MET B 328 3.18 14.58 18.03
CA MET B 328 3.80 13.65 17.08
C MET B 328 5.22 13.26 17.52
N ASP B 329 6.02 14.24 17.97
CA ASP B 329 7.41 13.99 18.35
C ASP B 329 7.52 13.10 19.58
N HIS B 330 6.62 13.27 20.56
CA HIS B 330 6.59 12.37 21.71
C HIS B 330 6.29 10.93 21.27
N TYR B 331 5.34 10.75 20.36
CA TYR B 331 5.01 9.41 19.90
C TYR B 331 6.12 8.80 19.07
N ARG B 332 6.92 9.63 18.38
CA ARG B 332 8.00 9.11 17.55
C ARG B 332 9.20 8.70 18.36
N GLU B 333 9.36 9.30 19.53
CA GLU B 333 10.58 9.20 20.33
C GLU B 333 11.08 7.76 20.53
N PRO B 334 10.25 6.79 20.93
CA PRO B 334 10.77 5.44 21.14
C PRO B 334 11.25 4.74 19.86
N PHE B 335 10.97 5.29 18.68
CA PHE B 335 11.06 4.51 17.45
C PHE B 335 11.90 5.20 16.38
N LEU B 336 12.73 6.17 16.77
CA LEU B 336 13.60 6.85 15.82
C LEU B 336 14.50 5.85 15.08
N ASN B 337 15.08 4.90 15.81
CA ASN B 337 15.89 3.84 15.20
C ASN B 337 15.00 2.76 14.59
N PRO B 338 15.09 2.52 13.28
CA PRO B 338 14.13 1.59 12.66
C PRO B 338 14.16 0.19 13.23
N VAL B 339 15.31 -0.30 13.66
CA VAL B 339 15.40 -1.63 14.23
C VAL B 339 14.55 -1.81 15.49
N ASP B 340 14.03 -0.74 16.06
CA ASP B 340 13.29 -0.83 17.30
C ASP B 340 11.79 -0.93 17.09
N ARG B 341 11.33 -1.16 15.86
CA ARG B 341 9.91 -1.07 15.52
C ARG B 341 9.23 -2.44 15.47
N GLU B 342 9.91 -3.49 15.91
CA GLU B 342 9.27 -4.80 16.02
C GLU B 342 7.91 -4.78 16.71
N PRO B 343 7.72 -4.18 17.90
CA PRO B 343 6.38 -4.23 18.48
C PRO B 343 5.33 -3.57 17.59
N LEU B 344 5.68 -2.50 16.85
CA LEU B 344 4.67 -1.85 16.01
C LEU B 344 4.19 -2.76 14.89
N TRP B 345 5.03 -3.69 14.43
CA TRP B 345 4.61 -4.64 13.41
C TRP B 345 3.90 -5.87 13.98
N ARG B 346 4.40 -6.45 15.07
CA ARG B 346 3.83 -7.69 15.61
C ARG B 346 2.42 -7.48 16.18
N PHE B 347 2.12 -6.31 16.76
CA PHE B 347 0.78 -6.07 17.28
C PHE B 347 -0.31 -6.21 16.23
N PRO B 348 -0.31 -5.46 15.11
CA PRO B 348 -1.39 -5.66 14.11
C PRO B 348 -1.46 -7.08 13.60
N ASN B 349 -0.34 -7.79 13.62
CA ASN B 349 -0.33 -9.21 13.26
C ASN B 349 -0.92 -10.11 14.34
N GLU B 350 -1.12 -9.61 15.57
CA GLU B 350 -1.79 -10.39 16.61
C GLU B 350 -3.29 -10.15 16.68
N LEU B 351 -3.82 -9.16 15.95
CA LEU B 351 -5.23 -8.78 16.04
C LEU B 351 -6.15 -9.94 15.67
N PRO B 352 -7.19 -10.24 16.47
CA PRO B 352 -8.11 -11.33 16.09
C PRO B 352 -9.11 -10.89 15.05
N ILE B 353 -8.88 -11.19 13.77
CA ILE B 353 -9.78 -10.72 12.70
C ILE B 353 -10.05 -11.87 11.74
N ALA B 354 -11.33 -12.19 11.57
CA ALA B 354 -11.78 -13.24 10.66
C ALA B 354 -11.05 -14.55 10.96
N GLY B 355 -10.89 -14.84 12.25
CA GLY B 355 -10.46 -16.13 12.73
C GLY B 355 -8.97 -16.30 12.98
N GLU B 356 -8.13 -15.36 12.53
CA GLU B 356 -6.69 -15.52 12.58
C GLU B 356 -6.09 -14.34 13.33
N PRO B 357 -5.05 -14.56 14.19
CA PRO B 357 -4.47 -15.84 14.59
C PRO B 357 -5.39 -16.56 15.55
N ALA B 358 -5.61 -17.85 15.33
CA ALA B 358 -6.61 -18.58 16.10
C ALA B 358 -6.33 -18.54 17.60
N ASN B 359 -5.06 -18.71 17.99
CA ASN B 359 -4.71 -18.69 19.40
C ASN B 359 -5.17 -17.39 20.07
N ILE B 360 -4.99 -16.25 19.41
CA ILE B 360 -5.39 -14.98 20.02
C ILE B 360 -6.92 -14.85 20.05
N VAL B 361 -7.58 -15.37 19.00
CA VAL B 361 -9.04 -15.35 18.94
C VAL B 361 -9.62 -16.08 20.15
N ALA B 362 -9.07 -17.25 20.49
CA ALA B 362 -9.59 -18.01 21.61
C ALA B 362 -9.33 -17.32 22.94
N LEU B 363 -8.13 -16.77 23.13
CA LEU B 363 -7.82 -16.05 24.37
C LEU B 363 -8.76 -14.86 24.57
N VAL B 364 -9.10 -14.16 23.48
CA VAL B 364 -9.92 -12.97 23.61
C VAL B 364 -11.38 -13.35 23.82
N GLU B 365 -11.86 -14.36 23.09
CA GLU B 365 -13.19 -14.88 23.34
C GLU B 365 -13.35 -15.29 24.81
N GLU B 366 -12.30 -15.88 25.40
CA GLU B 366 -12.39 -16.36 26.77
C GLU B 366 -12.58 -15.22 27.77
N TYR B 367 -11.88 -14.10 27.57
CA TYR B 367 -12.08 -13.04 28.54
C TYR B 367 -13.34 -12.22 28.25
N MET B 368 -13.89 -12.31 27.04
CA MET B 368 -15.22 -11.74 26.80
C MET B 368 -16.29 -12.56 27.53
N ASP B 369 -16.23 -13.89 27.49
CA ASP B 369 -17.11 -14.71 28.32
C ASP B 369 -17.05 -14.29 29.79
N TRP B 370 -15.84 -14.18 30.31
CA TRP B 370 -15.65 -13.84 31.71
C TRP B 370 -16.25 -12.47 32.03
N LEU B 371 -16.00 -11.48 31.17
CA LEU B 371 -16.56 -10.12 31.35
C LEU B 371 -18.08 -10.13 31.34
N HIS B 372 -18.68 -10.88 30.42
CA HIS B 372 -20.13 -10.99 30.37
C HIS B 372 -20.69 -11.60 31.64
N GLN B 373 -19.90 -12.39 32.37
CA GLN B 373 -20.38 -13.07 33.57
C GLN B 373 -19.97 -12.40 34.88
N SER B 374 -19.04 -11.44 34.84
CA SER B 374 -18.46 -10.84 36.05
C SER B 374 -19.33 -9.68 36.56
N PRO B 375 -19.50 -9.56 37.87
CA PRO B 375 -20.19 -8.39 38.44
C PRO B 375 -19.29 -7.17 38.63
N VAL B 376 -18.03 -7.24 38.21
CA VAL B 376 -17.10 -6.14 38.43
C VAL B 376 -17.66 -4.87 37.81
N PRO B 377 -17.60 -3.72 38.50
CA PRO B 377 -18.01 -2.46 37.89
C PRO B 377 -17.26 -2.16 36.59
N LYS B 378 -18.01 -1.72 35.57
CA LYS B 378 -17.47 -1.50 34.23
C LYS B 378 -17.86 -0.12 33.73
N LEU B 379 -16.97 0.47 32.92
CA LEU B 379 -17.13 1.81 32.37
C LEU B 379 -16.58 1.80 30.94
N LEU B 380 -17.46 1.84 29.94
CA LEU B 380 -17.06 1.70 28.55
C LEU B 380 -17.14 3.05 27.84
N PHE B 381 -16.01 3.54 27.33
CA PHE B 381 -16.02 4.73 26.47
C PHE B 381 -16.00 4.31 25.01
N TRP B 382 -16.80 5.00 24.19
CA TRP B 382 -16.88 4.76 22.76
C TRP B 382 -17.05 6.08 22.01
N GLY B 383 -16.54 6.11 20.77
CA GLY B 383 -16.73 7.25 19.91
C GLY B 383 -17.28 6.81 18.56
N THR B 384 -17.58 7.82 17.74
CA THR B 384 -18.08 7.63 16.39
C THR B 384 -17.08 8.22 15.40
N PRO B 385 -16.64 7.47 14.39
CA PRO B 385 -17.06 6.11 14.02
C PRO B 385 -16.35 5.02 14.81
N GLY B 386 -15.32 5.34 15.59
CA GLY B 386 -14.55 4.31 16.26
C GLY B 386 -13.74 3.50 15.26
N VAL B 387 -12.84 2.63 15.75
CA VAL B 387 -12.10 1.75 14.86
C VAL B 387 -12.33 0.30 15.30
N LEU B 388 -11.82 -0.07 16.47
CA LEU B 388 -12.06 -1.42 16.97
C LEU B 388 -13.50 -1.59 17.46
N ILE B 389 -14.09 -0.56 18.04
CA ILE B 389 -15.42 -0.64 18.63
C ILE B 389 -16.35 0.29 17.86
N PRO B 390 -17.04 -0.19 16.84
CA PRO B 390 -18.05 0.64 16.16
C PRO B 390 -19.20 0.92 17.10
N PRO B 391 -19.97 1.99 16.84
CA PRO B 391 -21.13 2.29 17.70
C PRO B 391 -22.08 1.12 17.91
N ALA B 392 -22.40 0.36 16.84
CA ALA B 392 -23.34 -0.75 16.99
C ALA B 392 -22.84 -1.76 18.04
N GLU B 393 -21.51 -1.89 18.19
CA GLU B 393 -20.92 -2.85 19.13
C GLU B 393 -20.91 -2.32 20.54
N ALA B 394 -20.67 -1.00 20.70
CA ALA B 394 -20.84 -0.38 22.01
C ALA B 394 -22.27 -0.55 22.51
N ALA B 395 -23.23 -0.50 21.59
CA ALA B 395 -24.63 -0.65 22.00
C ALA B 395 -24.92 -2.08 22.43
N ARG B 396 -24.30 -3.07 21.76
CA ARG B 396 -24.50 -4.46 22.17
C ARG B 396 -23.92 -4.70 23.56
N LEU B 397 -22.66 -4.25 23.77
CA LEU B 397 -22.04 -4.36 25.09
C LEU B 397 -22.86 -3.65 26.17
N ALA B 398 -23.37 -2.45 25.87
CA ALA B 398 -24.14 -1.70 26.86
C ALA B 398 -25.34 -2.50 27.35
N LYS B 399 -25.94 -3.29 26.47
CA LYS B 399 -27.10 -4.09 26.84
C LYS B 399 -26.73 -5.48 27.33
N SER B 400 -25.51 -5.93 27.07
CA SER B 400 -25.08 -7.29 27.39
C SER B 400 -24.26 -7.40 28.68
N LEU B 401 -23.34 -6.47 28.93
CA LEU B 401 -22.41 -6.56 30.05
C LEU B 401 -23.09 -6.15 31.35
N PRO B 402 -22.97 -6.94 32.42
CA PRO B 402 -23.52 -6.52 33.71
C PRO B 402 -22.68 -5.44 34.38
N ASN B 403 -23.39 -4.58 35.13
CA ASN B 403 -22.79 -3.50 35.91
C ASN B 403 -21.95 -2.55 35.07
N CYS B 404 -22.46 -2.19 33.90
CA CYS B 404 -21.72 -1.39 32.92
C CYS B 404 -22.41 -0.06 32.70
N LYS B 405 -21.64 1.03 32.81
CA LYS B 405 -22.05 2.36 32.39
C LYS B 405 -21.28 2.73 31.14
N ALA B 406 -22.00 3.15 30.09
CA ALA B 406 -21.38 3.45 28.80
C ALA B 406 -21.47 4.94 28.53
N VAL B 407 -20.35 5.54 28.14
CA VAL B 407 -20.26 6.98 27.92
C VAL B 407 -19.80 7.23 26.48
N ASP B 408 -20.60 8.03 25.75
CA ASP B 408 -20.31 8.44 24.37
C ASP B 408 -19.45 9.68 24.43
N ILE B 409 -18.25 9.62 23.83
CA ILE B 409 -17.33 10.74 23.94
C ILE B 409 -17.41 11.69 22.76
N GLY B 410 -18.20 11.36 21.74
CA GLY B 410 -18.35 12.21 20.57
C GLY B 410 -17.55 11.63 19.42
N PRO B 411 -17.11 12.47 18.48
CA PRO B 411 -16.23 11.97 17.42
C PRO B 411 -15.00 11.27 17.99
N GLY B 412 -14.69 10.10 17.43
CA GLY B 412 -13.49 9.41 17.84
C GLY B 412 -13.14 8.25 16.93
N LEU B 413 -11.84 7.90 16.92
CA LEU B 413 -11.35 6.80 16.10
C LEU B 413 -10.82 5.74 17.04
N ASN B 414 -9.51 5.67 17.30
CA ASN B 414 -8.94 4.71 18.25
C ASN B 414 -8.39 5.37 19.51
N LEU B 415 -7.59 6.44 19.38
CA LEU B 415 -6.99 7.13 20.52
C LEU B 415 -7.98 8.16 21.09
N LEU B 416 -9.07 7.64 21.67
CA LEU B 416 -10.11 8.51 22.21
C LEU B 416 -9.56 9.48 23.25
N GLN B 417 -8.52 9.07 23.99
CA GLN B 417 -7.88 9.97 24.95
C GLN B 417 -7.37 11.25 24.31
N GLU B 418 -7.10 11.23 23.00
CA GLU B 418 -6.62 12.43 22.33
C GLU B 418 -7.73 13.35 21.82
N ASP B 419 -8.96 12.83 21.67
CA ASP B 419 -10.08 13.65 21.20
C ASP B 419 -10.91 14.24 22.33
N ASN B 420 -11.05 13.56 23.46
CA ASN B 420 -11.87 14.07 24.54
C ASN B 420 -11.30 13.63 25.89
N PRO B 421 -10.09 14.06 26.24
CA PRO B 421 -9.53 13.68 27.53
C PRO B 421 -10.27 14.30 28.72
N ASP B 422 -10.97 15.41 28.54
CA ASP B 422 -11.66 16.01 29.68
C ASP B 422 -12.84 15.16 30.12
N LEU B 423 -13.69 14.77 29.17
CA LEU B 423 -14.80 13.87 29.48
C LEU B 423 -14.28 12.56 30.05
N ILE B 424 -13.34 11.92 29.35
CA ILE B 424 -12.83 10.62 29.80
C ILE B 424 -12.21 10.76 31.19
N GLY B 425 -11.37 11.78 31.39
CA GLY B 425 -10.72 11.95 32.68
C GLY B 425 -11.71 12.20 33.81
N SER B 426 -12.61 13.17 33.64
CA SER B 426 -13.49 13.53 34.73
C SER B 426 -14.55 12.46 34.96
N GLU B 427 -14.96 11.74 33.92
CA GLU B 427 -15.93 10.66 34.14
C GLU B 427 -15.31 9.53 34.97
N ILE B 428 -14.04 9.20 34.71
CA ILE B 428 -13.36 8.14 35.47
C ILE B 428 -13.32 8.50 36.96
N ALA B 429 -12.93 9.75 37.26
CA ALA B 429 -12.87 10.21 38.64
C ALA B 429 -14.23 10.09 39.33
N ARG B 430 -15.29 10.58 38.68
CA ARG B 430 -16.64 10.47 39.25
C ARG B 430 -17.04 9.01 39.45
N TRP B 431 -16.62 8.13 38.54
CA TRP B 431 -16.93 6.72 38.66
C TRP B 431 -16.17 6.06 39.82
N LEU B 432 -14.87 6.37 39.96
CA LEU B 432 -14.10 5.83 41.08
C LEU B 432 -14.73 6.21 42.42
N SER B 433 -15.25 7.43 42.51
CA SER B 433 -15.78 7.86 43.79
C SER B 433 -17.01 7.05 44.20
N THR B 434 -17.52 6.19 43.30
CA THR B 434 -18.70 5.37 43.59
C THR B 434 -18.38 3.90 43.86
N LEU B 435 -17.15 3.45 43.62
CA LEU B 435 -16.84 2.04 43.79
C LEU B 435 -16.65 1.71 45.26
N GLU B 436 -16.57 0.41 45.55
CA GLU B 436 -16.47 -0.14 46.92
C GLU B 436 -17.53 0.42 47.86
CL CL C . 3.04 3.55 -16.19
N1 FMN D . 16.30 -29.24 -8.29
C2 FMN D . 17.55 -29.09 -7.74
O2 FMN D . 18.37 -29.98 -7.92
N3 FMN D . 17.89 -27.98 -6.99
C4 FMN D . 16.95 -26.98 -6.79
O4 FMN D . 17.22 -25.98 -6.12
C4A FMN D . 15.67 -27.12 -7.35
N5 FMN D . 14.74 -26.12 -7.16
C5A FMN D . 13.49 -26.26 -7.73
C6 FMN D . 12.56 -25.24 -7.52
C7 FMN D . 11.29 -25.31 -8.06
C7M FMN D . 10.32 -24.19 -7.80
C8 FMN D . 10.93 -26.43 -8.81
C8M FMN D . 9.54 -26.50 -9.39
C9 FMN D . 11.85 -27.46 -9.03
C9A FMN D . 13.14 -27.39 -8.49
N10 FMN D . 14.10 -28.39 -8.69
C10 FMN D . 15.35 -28.25 -8.11
C1' FMN D . 13.82 -29.66 -9.46
C2' FMN D . 14.06 -29.69 -10.95
O2' FMN D . 13.65 -28.48 -11.52
C3' FMN D . 13.25 -30.85 -11.53
O3' FMN D . 11.85 -30.59 -11.39
C4' FMN D . 13.61 -32.20 -10.88
O4' FMN D . 14.94 -32.56 -11.22
C5' FMN D . 12.72 -33.36 -11.35
O5' FMN D . 12.56 -33.23 -12.74
P FMN D . 13.39 -34.10 -13.81
O1P FMN D . 12.67 -33.90 -15.12
O2P FMN D . 14.83 -33.58 -13.83
O3P FMN D . 13.35 -35.58 -13.43
C4 PUJ E . 11.36 -0.94 -1.09
C14 PUJ E . 7.71 -0.45 -2.17
C5 PUJ E . 12.28 -1.92 -1.02
C6 PUJ E . 11.91 -3.19 -1.48
C11 PUJ E . 9.68 -2.41 -2.02
C7 PUJ E . 14.13 -3.62 -1.92
C8 PUJ E . 14.29 -4.93 -2.69
C9 PUJ E . 12.75 -4.99 -2.71
C10 PUJ E . 10.62 -3.41 -1.98
C12 PUJ E . 10.02 -1.11 -1.56
C13 PUJ E . 9.03 -0.02 -1.60
N1 PUJ E . 12.85 -4.20 -1.46
N2 PUJ E . 5.48 -1.57 -6.33
C3 PUJ E . 13.45 1.43 -0.86
N3 PUJ E . 9.31 5.30 -0.14
C1 PUJ E . 11.72 0.56 1.43
SI1 PUJ E . 11.76 0.77 -0.43
F1 PUJ E . 14.89 -5.93 -1.92
C15 PUJ E . 7.51 -0.35 -3.56
C16 PUJ E . 6.32 -0.73 -4.17
C17 PUJ E . 6.14 -0.61 -5.66
O1 PUJ E . 6.58 0.34 -6.28
C18 PUJ E . 5.31 -1.45 -7.78
C19 PUJ E . 6.49 -2.19 -8.41
O2 PUJ E . 6.36 -2.29 -9.82
C20 PUJ E . 7.39 -3.12 -10.40
C21 PUJ E . 8.10 -2.46 -11.58
O3 PUJ E . 7.18 -1.85 -12.49
C22 PUJ E . 7.90 -1.00 -13.37
C23 PUJ E . 6.91 -0.04 -14.01
C24 PUJ E . 7.09 -0.01 -15.53
C25 PUJ E . 6.46 1.28 -16.04
C26 PUJ E . 5.44 0.97 -17.14
C27 PUJ E . 5.61 2.08 -18.19
C28 PUJ E . 5.30 -1.26 -3.39
C29 PUJ E . 5.48 -1.37 -2.03
C30 PUJ E . 6.66 -0.98 -1.40
C31 PUJ E . 6.75 -1.12 0.08
O4 PUJ E . 5.98 -1.84 0.72
O5 PUJ E . 7.69 -0.43 0.73
C32 PUJ E . 9.10 1.33 -1.24
C33 PUJ E . 7.96 2.16 -1.39
C34 PUJ E . 8.00 3.45 -1.03
C35 PUJ E . 9.23 4.04 -0.49
C36 PUJ E . 8.36 6.44 -0.15
C37 PUJ E . 9.44 7.38 0.38
F2 PUJ E . 9.80 8.35 -0.56
C38 PUJ E . 10.37 6.14 0.44
C39 PUJ E . 10.39 3.19 -0.34
C40 PUJ E . 10.28 1.92 -0.71
C1 GOL F . -9.36 1.13 -13.13
O1 GOL F . -10.64 0.61 -13.32
C2 GOL F . -9.47 2.68 -13.27
O2 GOL F . -8.98 3.34 -12.14
C3 GOL F . -8.65 3.03 -14.57
O3 GOL F . -8.00 4.22 -14.25
C1 GOL G . 17.53 13.46 -16.51
O1 GOL G . 16.63 13.23 -15.42
C2 GOL G . 18.53 14.62 -16.13
O2 GOL G . 18.89 14.63 -14.79
C3 GOL G . 19.76 14.40 -17.05
O3 GOL G . 19.23 14.40 -18.35
C1 GOL H . 18.40 -0.23 -5.55
O1 GOL H . 18.23 0.25 -6.87
C2 GOL H . 18.88 0.98 -4.71
O2 GOL H . 20.27 0.99 -4.53
C3 GOL H . 18.37 2.25 -5.46
O3 GOL H . 17.71 3.05 -4.51
C1 GOL I . 15.19 -18.99 3.11
O1 GOL I . 15.78 -17.98 2.35
C2 GOL I . 16.27 -19.38 4.13
O2 GOL I . 17.40 -19.91 3.50
C3 GOL I . 16.59 -18.03 4.90
O3 GOL I . 15.95 -16.96 4.23
CL CL J . -2.54 -2.90 16.24
N1 FMN K . -30.59 15.89 3.36
C2 FMN K . -30.32 17.25 3.35
O2 FMN K . -31.23 18.04 3.51
N3 FMN K . -29.02 17.71 3.18
C4 FMN K . -27.97 16.81 2.99
O4 FMN K . -26.81 17.22 2.81
C4A FMN K . -28.25 15.43 2.98
N5 FMN K . -27.23 14.50 2.81
C5A FMN K . -27.52 13.14 2.83
C6 FMN K . -26.49 12.24 2.65
C7 FMN K . -26.73 10.87 2.66
C7M FMN K . -25.58 9.90 2.46
C8 FMN K . -28.03 10.40 2.84
C8M FMN K . -28.30 8.92 2.86
C9 FMN K . -29.08 11.31 3.01
C9A FMN K . -28.83 12.68 3.01
N10 FMN K . -29.87 13.61 3.21
C10 FMN K . -29.58 14.98 3.18
C1' FMN K . -31.31 13.18 3.35
C2' FMN K . -31.90 12.94 4.73
O2' FMN K . -30.94 12.27 5.52
C3' FMN K . -33.19 12.13 4.55
O3' FMN K . -32.87 10.94 3.90
C4' FMN K . -34.28 12.82 3.69
O4' FMN K . -34.80 13.98 4.33
C5' FMN K . -35.47 11.92 3.39
O5' FMN K . -35.86 11.30 4.60
P FMN K . -37.19 11.68 5.46
O1P FMN K . -37.38 10.59 6.50
O2P FMN K . -36.99 13.02 6.15
O3P FMN K . -38.43 11.74 4.58
C4 PUJ L . -1.55 10.34 4.67
C14 PUJ L . -1.41 6.59 4.41
C5 PUJ L . -2.48 11.30 4.60
C6 PUJ L . -3.81 10.95 4.37
C11 PUJ L . -3.19 8.62 4.30
C7 PUJ L . -4.22 13.10 5.13
C8 PUJ L . -5.60 13.15 5.80
C9 PUJ L . -5.76 11.68 5.40
C10 PUJ L . -4.15 9.59 4.24
C12 PUJ L . -1.83 8.95 4.52
C13 PUJ L . -0.77 7.92 4.58
N1 PUJ L . -4.75 11.96 4.34
N2 PUJ L . -3.95 3.34 6.85
C3 PUJ L . 0.54 11.93 6.36
N3 PUJ L . 4.72 8.26 5.43
C1 PUJ L . 0.79 11.53 3.27
SI1 PUJ L . 0.27 10.78 4.91
F1 PUJ L . -6.46 13.98 5.10
C15 PUJ L . -1.80 5.92 5.57
C16 PUJ L . -2.45 4.71 5.51
C17 PUJ L . -2.80 4.03 6.76
O1 PUJ L . -2.02 4.07 7.70
C18 PUJ L . -4.35 2.64 8.05
C19 PUJ L . -4.77 3.63 9.11
O2 PUJ L . -6.10 3.29 9.43
C20 PUJ L . -6.20 2.64 10.69
C21 PUJ L . -6.58 3.58 11.84
O3 PUJ L . -6.36 2.74 12.98
C22 PUJ L . -5.66 3.37 14.05
C23 PUJ L . -4.87 2.32 14.82
C24 PUJ L . -5.76 1.41 15.70
C25 PUJ L . -4.91 0.75 16.81
C26 PUJ L . -5.36 -0.69 17.05
C27 PUJ L . -4.82 -1.18 18.41
C28 PUJ L . -2.73 4.13 4.27
C29 PUJ L . -2.36 4.78 3.11
C30 PUJ L . -1.72 6.01 3.16
C31 PUJ L . -1.35 6.66 1.89
O4 PUJ L . -1.95 6.41 0.88
O5 PUJ L . -0.32 7.52 1.86
C32 PUJ L . 0.61 7.96 4.80
C33 PUJ L . 1.39 6.79 4.82
C34 PUJ L . 2.73 6.84 5.04
C35 PUJ L . 3.42 8.12 5.23
C36 PUJ L . 5.91 7.37 5.54
C37 PUJ L . 6.83 8.60 5.50
F2 PUJ L . 7.68 8.72 6.61
C38 PUJ L . 5.56 9.45 5.64
C39 PUJ L . 2.61 9.34 5.21
C40 PUJ L . 1.31 9.20 5.01
C1 GOL M . -1.89 -13.74 10.86
O1 GOL M . -1.93 -12.34 11.12
C2 GOL M . -1.86 -13.97 9.31
O2 GOL M . -2.87 -13.28 8.63
C3 GOL M . -0.43 -13.56 8.85
O3 GOL M . -0.11 -12.28 9.35
C1 GOL N . 2.30 0.50 -0.37
O1 GOL N . 3.54 0.82 -0.95
C2 GOL N . 1.83 1.80 0.31
O2 GOL N . 2.88 2.51 0.96
C3 GOL N . 0.61 1.45 1.24
O3 GOL N . 0.26 2.65 1.94
C1 GOL O . 8.00 8.29 26.11
O1 GOL O . 8.06 7.51 24.96
C2 GOL O . 7.09 9.52 25.83
O2 GOL O . 7.55 10.34 24.78
C3 GOL O . 7.10 10.29 27.21
O3 GOL O . 7.12 11.67 26.87
C1 GOL P . -17.50 -0.32 11.36
O1 GOL P . -16.33 0.34 11.79
C2 GOL P . -18.42 0.72 10.55
O2 GOL P . -19.77 0.40 10.62
C3 GOL P . -18.08 2.16 11.10
O3 GOL P . -19.00 2.51 12.13
C1 GOL Q . -16.82 17.96 -2.75
O1 GOL Q . -16.72 17.18 -3.87
C2 GOL Q . -15.75 19.09 -2.79
O2 GOL Q . -14.43 18.62 -2.84
C3 GOL Q . -16.13 19.96 -4.05
O3 GOL Q . -17.51 19.76 -4.29
C1 GOL R . -42.65 14.39 2.87
O1 GOL R . -42.84 15.56 3.66
C2 GOL R . -41.32 14.43 2.15
O2 GOL R . -40.78 15.75 2.23
C3 GOL R . -40.31 13.44 2.67
O3 GOL R . -40.24 12.26 1.88
C1 GOL S . -20.82 13.33 23.06
O1 GOL S . -22.17 13.07 22.73
C2 GOL S . -20.65 14.85 23.23
O2 GOL S . -19.96 15.19 24.40
C3 GOL S . -20.00 15.36 21.89
O3 GOL S . -18.87 16.18 22.24
#